data_8YW3
#
_entry.id   8YW3
#
loop_
_entity.id
_entity.type
_entity.pdbx_description
1 polymer Nanobody-35
2 polymer 'Guanine nucleotide-binding protein G(I)/G(S)/G(T) subunit beta-1'
3 polymer 'Guanine nucleotide-binding protein G(s) subunit alpha isoforms short'
4 polymer 'Glucagon-like peptide 1 receptor'
5 polymer 'Guanine nucleotide-binding protein G(I)/G(S)/G(O) subunit gamma-2'
6 polymer Retatrutide
#
loop_
_entity_poly.entity_id
_entity_poly.type
_entity_poly.pdbx_seq_one_letter_code
_entity_poly.pdbx_strand_id
1 'polypeptide(L)'
;MAQVQLQESGGGLVQPGGSLRLSCAASGFTFSNYKMNWVRQAPGKGLEWVSDISQSGASISYTGSVKGRFTISRDNAKNT
LYLQMNSLKPEDTAVYYCARCPAPFTRDCFDVTSTTYAYRGQGTQVTVSSHHHHHHEPEA
;
N
2 'polypeptide(L)'
;MGSLLQSELDQLRQEAEQLKNQIRDARKACADATLSQITNNIDPVGRIQMRTRRTLRGHLAKIYAMHWGTDSRLLVSASQ
DGKLIIWDSYTTNKVHAIPLRSSWVMTCAYAPSGNYVACGGLDNICSIYNLKTREGNVRVSRELAGHTGYLSCCRFLDDN
QIVTSSGDTTCALWDIETGQQTTTFTGHTGDVMSLSLAPDTRLFVSGACDASAKLWDVREGMCRQTFTGHESDINAICFF
PNGNAFATGSDDATCRLFDLRADQELMTYSHDNIICGITSVSFSKSGRLLLAGYDDFNCNVWDALKADRAGVLAGHDNRV
SCLGVTDDGMAVATGSWDSFLKIWN
;
B
3 'polypeptide(L)'
;MGCLGNSKTEDQRNEEKAQREANKKIEKQLQKDKQVYRATHRLLLLGAGESGKNTIVKQMRILHVNGFNGEGGEEDPQAA
RSNSDGEKATKVQDIKNNLKEAIETIVAAMSNLVPPVELANPENQFRVDYILSVMNVPDFDFPPEFYEHAKALWEDEGVR
ACYERSNEYQLIDCAQYFLDKIDVIKQADYVPSDQDLLRCRVLTSGIFETKFQVDKVNFHMFDVGAQRDERRKWIQCFND
VTAIIFVVASSSYNMVIREDNQTNRLQAALKLFDSIWNNKWLRDTSVILFLNKQDLLAEKVLAGKSKIEDYFPEFARYTT
PEDATPEPGEDPRVTRAKYFIRDEFLRISTASGDGRHYCYPHFTCAVDTENIRRVFNDCRDIIQRMHLRQYELL
;
A
4 'polypeptide(L)'
;RPQGATVSLWETVQKWREYRRQCQRSLTEDPPPATDLFCNRTFDEYACWPDGEPGSFVNVSCPWYLPWASSVPQGHVYRF
CTAEGLWLQKDNSSLPWRDLSECEESKRGERSSPEEQLLFLYIIYTVGYALSFSALVIASAILLGFRHLHCTRNYIHLNL
FASFILRALSVFIKDAALKWMYSTAAQQHQWDGLLSYQDSLSCRLVFLLMQYCVAANYYWLLVEGVYLYTLLAFSVLSEQ
WIFRLYVSIGWGVPLLFVVPWGIVKYLYEDEGCWTRNSNMNYWLIIRLPILFAIGVNFLIFVRVICIVVSKLKANLMCKT
DIKCRLAKSTLTLIPLLGTHEVIFAFVMDEHARGTLRFIKLFTELSFTSFQGLMVAILYCFVNNEVQLEFRKSWERWRLE
HLHIQRDSSMKPLKCPTSSLSSGATAGSSMYTATCQASCS
;
R
5 'polypeptide(L)' MASNNTASIAQARKLVEQLKMEANIDRIKVSKAAADLMAYCEAHAKEDPLLTPVPASENPFREKKFFCAIL G
6 'polypeptide(L)' Y(AIB)QGTFTSDYSI(2ML)LDKKAQ(AIB)AFIEYLLEGG P
#
# COMPACT_ATOMS: atom_id res chain seq x y z
N GLN A 3 19.78 16.75 -31.49
CA GLN A 3 20.54 16.70 -30.25
C GLN A 3 20.37 17.99 -29.45
N VAL A 4 20.49 17.89 -28.13
CA VAL A 4 20.41 19.07 -27.29
C VAL A 4 21.61 19.97 -27.54
N GLN A 5 21.43 21.27 -27.35
CA GLN A 5 22.51 22.22 -27.61
C GLN A 5 22.30 23.45 -26.74
N LEU A 6 23.27 23.74 -25.88
CA LEU A 6 23.31 24.96 -25.08
C LEU A 6 24.54 25.76 -25.45
N GLN A 7 24.37 27.04 -25.77
CA GLN A 7 25.50 27.87 -26.16
C GLN A 7 25.39 29.22 -25.47
N GLU A 8 26.41 29.59 -24.70
CA GLU A 8 26.37 30.75 -23.83
C GLU A 8 27.20 31.89 -24.41
N SER A 9 26.70 33.11 -24.24
CA SER A 9 27.46 34.29 -24.61
C SER A 9 28.67 34.43 -23.70
N GLY A 10 29.78 34.85 -24.29
CA GLY A 10 31.02 34.92 -23.53
C GLY A 10 31.09 36.11 -22.60
N GLY A 11 32.17 36.15 -21.83
CA GLY A 11 32.44 37.26 -20.93
C GLY A 11 33.90 37.65 -20.92
N GLY A 12 34.18 38.92 -21.21
CA GLY A 12 35.54 39.39 -21.30
C GLY A 12 36.15 39.69 -19.95
N LEU A 13 37.43 40.07 -19.97
CA LEU A 13 38.15 40.40 -18.75
C LEU A 13 37.71 41.75 -18.23
N VAL A 14 37.39 41.83 -16.94
CA VAL A 14 36.94 43.06 -16.31
C VAL A 14 37.64 43.21 -14.97
N GLN A 15 37.71 44.46 -14.50
CA GLN A 15 38.28 44.76 -13.20
C GLN A 15 37.32 44.31 -12.10
N PRO A 16 37.83 44.10 -10.88
CA PRO A 16 36.94 43.73 -9.77
C PRO A 16 35.87 44.80 -9.56
N GLY A 17 34.66 44.34 -9.25
CA GLY A 17 33.52 45.22 -9.14
C GLY A 17 32.85 45.56 -10.44
N GLY A 18 33.27 44.95 -11.55
CA GLY A 18 32.68 45.24 -12.84
C GLY A 18 31.37 44.51 -13.05
N SER A 19 30.82 44.68 -14.26
CA SER A 19 29.55 44.08 -14.63
C SER A 19 29.67 43.42 -16.00
N LEU A 20 29.00 42.28 -16.16
CA LEU A 20 28.97 41.55 -17.42
C LEU A 20 27.59 40.95 -17.58
N ARG A 21 27.45 40.02 -18.53
CA ARG A 21 26.20 39.32 -18.76
C ARG A 21 26.49 38.02 -19.49
N LEU A 22 25.92 36.92 -19.01
CA LEU A 22 26.09 35.62 -19.63
C LEU A 22 24.71 35.10 -20.04
N SER A 23 24.44 35.08 -21.34
CA SER A 23 23.18 34.59 -21.88
C SER A 23 23.44 33.32 -22.66
N CYS A 24 22.71 32.25 -22.33
CA CYS A 24 22.83 30.98 -23.03
C CYS A 24 21.54 30.67 -23.75
N ALA A 25 21.65 30.36 -25.04
CA ALA A 25 20.52 29.98 -25.88
C ALA A 25 20.48 28.47 -26.01
N ALA A 26 19.28 27.92 -26.07
CA ALA A 26 19.05 26.48 -26.10
C ALA A 26 18.36 26.07 -27.39
N SER A 27 18.66 24.86 -27.84
CA SER A 27 18.06 24.31 -29.04
C SER A 27 17.95 22.80 -28.91
N GLY A 28 16.86 22.24 -29.42
CA GLY A 28 16.64 20.81 -29.39
C GLY A 28 15.67 20.32 -28.35
N PHE A 29 15.08 21.21 -27.56
CA PHE A 29 14.13 20.80 -26.53
C PHE A 29 13.19 21.96 -26.23
N THR A 30 12.10 21.64 -25.56
CA THR A 30 11.15 22.64 -25.11
C THR A 30 11.72 23.35 -23.89
N PHE A 31 12.19 24.58 -24.07
CA PHE A 31 12.83 25.32 -22.99
C PHE A 31 11.87 25.55 -21.84
N SER A 32 10.61 25.90 -22.15
CA SER A 32 9.66 26.26 -21.11
C SER A 32 9.36 25.10 -20.17
N ASN A 33 9.72 23.87 -20.55
CA ASN A 33 9.36 22.69 -19.79
C ASN A 33 10.50 22.16 -18.93
N TYR A 34 11.56 22.94 -18.72
CA TYR A 34 12.73 22.45 -18.03
C TYR A 34 13.24 23.46 -17.02
N LYS A 35 13.90 22.94 -15.99
CA LYS A 35 14.55 23.76 -14.97
C LYS A 35 16.02 23.90 -15.33
N MET A 36 16.54 25.12 -15.27
CA MET A 36 17.90 25.41 -15.72
C MET A 36 18.71 26.06 -14.61
N ASN A 37 19.93 25.56 -14.41
CA ASN A 37 20.85 26.03 -13.40
C ASN A 37 22.12 26.60 -14.04
N TRP A 38 22.98 27.15 -13.21
CA TRP A 38 24.31 27.62 -13.59
C TRP A 38 25.35 26.83 -12.83
N VAL A 39 26.45 26.48 -13.50
CA VAL A 39 27.59 25.89 -12.84
C VAL A 39 28.84 26.62 -13.29
N ARG A 40 29.83 26.66 -12.41
CA ARG A 40 31.10 27.30 -12.73
C ARG A 40 32.24 26.40 -12.26
N GLN A 41 33.32 26.41 -13.04
CA GLN A 41 34.51 25.62 -12.77
C GLN A 41 35.66 26.59 -12.61
N ALA A 42 36.13 26.75 -11.37
CA ALA A 42 37.28 27.60 -11.11
C ALA A 42 38.56 26.81 -11.36
N PRO A 43 39.65 27.50 -11.67
CA PRO A 43 40.93 26.79 -11.86
C PRO A 43 41.33 26.02 -10.61
N GLY A 44 41.78 24.79 -10.82
CA GLY A 44 42.11 23.91 -9.70
C GLY A 44 40.95 23.60 -8.80
N LYS A 45 39.74 23.51 -9.35
CA LYS A 45 38.54 23.27 -8.57
C LYS A 45 37.56 22.44 -9.40
N GLY A 46 36.61 21.82 -8.70
CA GLY A 46 35.55 21.07 -9.35
C GLY A 46 34.37 21.94 -9.73
N LEU A 47 33.36 21.30 -10.32
CA LEU A 47 32.15 22.00 -10.69
C LEU A 47 31.37 22.41 -9.44
N GLU A 48 30.86 23.64 -9.44
CA GLU A 48 30.04 24.13 -8.34
C GLU A 48 28.81 24.82 -8.91
N TRP A 49 27.64 24.41 -8.44
CA TRP A 49 26.38 25.02 -8.85
C TRP A 49 26.26 26.41 -8.24
N VAL A 50 25.66 27.34 -9.00
CA VAL A 50 25.61 28.73 -8.57
C VAL A 50 24.18 29.20 -8.35
N SER A 51 23.38 29.20 -9.42
CA SER A 51 22.01 29.68 -9.35
C SER A 51 21.11 28.71 -10.09
N ASP A 52 19.79 28.90 -9.93
CA ASP A 52 18.83 28.05 -10.61
C ASP A 52 17.55 28.84 -10.85
N ILE A 53 16.77 28.37 -11.81
CA ILE A 53 15.47 28.96 -12.13
C ILE A 53 14.42 27.87 -12.14
N SER A 54 13.27 28.16 -11.54
CA SER A 54 12.20 27.18 -11.44
C SER A 54 11.59 26.92 -12.81
N GLN A 55 10.53 26.11 -12.82
CA GLN A 55 9.87 25.75 -14.06
C GLN A 55 9.30 26.97 -14.77
N SER A 56 8.57 27.81 -14.04
CA SER A 56 7.96 29.00 -14.59
C SER A 56 8.83 30.24 -14.45
N GLY A 57 9.99 30.13 -13.80
CA GLY A 57 10.83 31.27 -13.56
C GLY A 57 10.54 32.03 -12.28
N ALA A 58 9.82 31.43 -11.35
CA ALA A 58 9.45 32.11 -10.10
C ALA A 58 10.44 31.81 -8.98
N SER A 59 10.58 30.53 -8.62
CA SER A 59 11.45 30.15 -7.52
C SER A 59 12.90 30.20 -7.98
N ILE A 60 13.72 30.98 -7.27
CA ILE A 60 15.13 31.16 -7.58
C ILE A 60 15.95 30.91 -6.33
N SER A 61 17.23 30.61 -6.54
CA SER A 61 18.12 30.33 -5.43
C SER A 61 19.55 30.61 -5.85
N TYR A 62 20.37 31.02 -4.88
CA TYR A 62 21.77 31.36 -5.10
C TYR A 62 22.62 30.70 -4.02
N THR A 63 23.93 30.67 -4.27
CA THR A 63 24.88 30.30 -3.23
C THR A 63 25.15 31.50 -2.34
N GLY A 64 25.86 31.23 -1.23
CA GLY A 64 26.19 32.31 -0.32
C GLY A 64 27.11 33.35 -0.93
N SER A 65 28.02 32.91 -1.80
CA SER A 65 28.98 33.84 -2.38
C SER A 65 28.31 34.89 -3.26
N VAL A 66 27.28 34.49 -4.01
CA VAL A 66 26.61 35.39 -4.94
C VAL A 66 25.18 35.62 -4.49
N LYS A 67 24.96 35.61 -3.17
CA LYS A 67 23.61 35.74 -2.63
C LYS A 67 22.99 37.09 -2.98
N GLY A 68 23.81 38.12 -3.13
CA GLY A 68 23.27 39.44 -3.45
C GLY A 68 24.05 40.19 -4.51
N ARG A 69 24.72 39.46 -5.40
CA ARG A 69 25.53 40.07 -6.44
C ARG A 69 25.09 39.75 -7.85
N PHE A 70 24.45 38.61 -8.09
CA PHE A 70 24.07 38.18 -9.43
C PHE A 70 22.55 38.15 -9.56
N THR A 71 22.08 38.34 -10.80
CA THR A 71 20.66 38.29 -11.13
C THR A 71 20.44 37.17 -12.14
N ILE A 72 19.51 36.27 -11.84
CA ILE A 72 19.22 35.12 -12.68
C ILE A 72 17.84 35.31 -13.30
N SER A 73 17.73 34.99 -14.60
CA SER A 73 16.45 35.14 -15.29
C SER A 73 16.44 34.22 -16.50
N ARG A 74 15.24 33.99 -17.03
CA ARG A 74 15.08 33.23 -18.26
C ARG A 74 13.98 33.86 -19.10
N ASP A 75 14.21 33.89 -20.41
CA ASP A 75 13.22 34.38 -21.37
C ASP A 75 12.81 33.21 -22.26
N ASN A 76 11.54 32.84 -22.18
CA ASN A 76 11.05 31.68 -22.93
C ASN A 76 10.91 32.00 -24.41
N ALA A 77 10.39 33.18 -24.74
CA ALA A 77 10.16 33.54 -26.13
C ALA A 77 11.47 33.58 -26.90
N LYS A 78 12.51 34.20 -26.33
CA LYS A 78 13.82 34.19 -26.94
C LYS A 78 14.56 32.88 -26.73
N ASN A 79 14.01 31.98 -25.91
CA ASN A 79 14.59 30.66 -25.67
C ASN A 79 16.01 30.77 -25.10
N THR A 80 16.18 31.68 -24.14
CA THR A 80 17.50 31.92 -23.55
C THR A 80 17.38 32.06 -22.04
N LEU A 81 18.52 31.94 -21.36
CA LEU A 81 18.60 32.16 -19.93
C LEU A 81 19.79 33.07 -19.65
N TYR A 82 19.55 34.14 -18.89
CA TYR A 82 20.54 35.16 -18.62
C TYR A 82 20.96 35.15 -17.15
N LEU A 83 22.25 35.45 -16.94
CA LEU A 83 22.80 35.73 -15.63
C LEU A 83 23.53 37.07 -15.75
N GLN A 84 22.96 38.10 -15.15
CA GLN A 84 23.59 39.41 -15.12
C GLN A 84 24.45 39.54 -13.88
N MET A 85 25.73 39.85 -14.07
CA MET A 85 26.71 39.88 -12.99
C MET A 85 27.01 41.32 -12.63
N ASN A 86 26.96 41.61 -11.34
CA ASN A 86 27.23 42.94 -10.80
C ASN A 86 28.15 42.82 -9.59
N SER A 87 29.04 43.80 -9.44
CA SER A 87 29.99 43.85 -8.34
C SER A 87 30.84 42.58 -8.31
N LEU A 88 31.60 42.39 -9.38
CA LEU A 88 32.40 41.18 -9.53
C LEU A 88 33.57 41.18 -8.55
N LYS A 89 34.11 39.99 -8.34
CA LYS A 89 35.25 39.77 -7.46
C LYS A 89 36.30 38.93 -8.18
N PRO A 90 37.58 39.08 -7.82
CA PRO A 90 38.62 38.28 -8.49
C PRO A 90 38.45 36.79 -8.32
N GLU A 91 37.75 36.33 -7.28
CA GLU A 91 37.54 34.92 -7.07
C GLU A 91 36.45 34.34 -7.95
N ASP A 92 35.74 35.16 -8.71
CA ASP A 92 34.70 34.69 -9.60
C ASP A 92 35.23 34.24 -10.96
N THR A 93 36.52 34.37 -11.20
CA THR A 93 37.10 33.94 -12.47
C THR A 93 36.97 32.44 -12.61
N ALA A 94 36.27 31.98 -13.64
CA ALA A 94 35.97 30.57 -13.81
C ALA A 94 35.49 30.34 -15.24
N VAL A 95 35.03 29.13 -15.50
CA VAL A 95 34.37 28.77 -16.76
C VAL A 95 32.93 28.44 -16.43
N TYR A 96 32.00 29.12 -17.11
CA TYR A 96 30.59 29.04 -16.77
C TYR A 96 29.86 28.17 -17.78
N TYR A 97 29.04 27.24 -17.28
CA TYR A 97 28.20 26.39 -18.11
C TYR A 97 26.75 26.52 -17.65
N CYS A 98 25.85 26.75 -18.61
CA CYS A 98 24.43 26.57 -18.34
C CYS A 98 24.14 25.07 -18.24
N ALA A 99 23.31 24.68 -17.29
CA ALA A 99 23.00 23.28 -17.06
C ALA A 99 21.50 23.08 -17.06
N ARG A 100 21.08 21.88 -17.45
CA ARG A 100 19.67 21.57 -17.63
C ARG A 100 19.26 20.40 -16.75
N CYS A 101 18.04 20.45 -16.26
CA CYS A 101 17.45 19.31 -15.58
C CYS A 101 17.33 18.14 -16.55
N PRO A 102 17.86 16.97 -16.22
CA PRO A 102 17.76 15.83 -17.15
C PRO A 102 16.34 15.39 -17.44
N ALA A 103 15.38 15.74 -16.60
CA ALA A 103 14.00 15.34 -16.82
C ALA A 103 13.09 16.56 -16.75
N PRO A 104 12.00 16.56 -17.51
CA PRO A 104 11.01 17.63 -17.38
C PRO A 104 10.01 17.31 -16.28
N PHE A 105 9.07 18.23 -16.03
CA PHE A 105 7.94 18.00 -15.14
C PHE A 105 8.35 17.79 -13.68
N THR A 106 9.63 17.92 -13.36
CA THR A 106 10.13 17.68 -12.02
C THR A 106 10.82 18.93 -11.49
N ARG A 107 10.72 19.13 -10.18
CA ARG A 107 11.28 20.29 -9.50
C ARG A 107 12.71 20.07 -9.04
N ASP A 108 13.28 18.89 -9.28
CA ASP A 108 14.63 18.58 -8.82
C ASP A 108 15.26 17.58 -9.78
N CYS A 109 16.58 17.53 -9.75
CA CYS A 109 17.30 16.55 -10.56
C CYS A 109 18.75 16.48 -10.10
N PHE A 110 19.41 15.39 -10.51
CA PHE A 110 20.77 15.09 -10.12
C PHE A 110 21.73 15.37 -11.26
N ASP A 111 23.02 15.15 -10.99
CA ASP A 111 24.09 15.14 -11.98
C ASP A 111 24.21 16.44 -12.75
N VAL A 112 23.63 17.52 -12.24
CA VAL A 112 23.81 18.81 -12.88
C VAL A 112 25.27 19.26 -12.78
N THR A 113 25.92 18.97 -11.66
CA THR A 113 27.31 19.32 -11.44
C THR A 113 28.26 18.16 -11.74
N SER A 114 27.80 17.13 -12.44
CA SER A 114 28.63 15.98 -12.71
C SER A 114 29.79 16.35 -13.64
N THR A 115 30.85 15.55 -13.57
CA THR A 115 32.02 15.79 -14.40
C THR A 115 31.81 15.40 -15.86
N THR A 116 30.82 14.58 -16.15
CA THR A 116 30.53 14.15 -17.51
C THR A 116 29.03 14.21 -17.79
N TYR A 117 28.37 15.25 -17.27
CA TYR A 117 26.96 15.44 -17.53
C TYR A 117 26.75 15.76 -19.02
N ALA A 118 25.61 15.30 -19.54
CA ALA A 118 25.38 15.37 -20.99
C ALA A 118 24.82 16.73 -21.41
N TYR A 119 23.79 17.21 -20.72
CA TYR A 119 23.08 18.41 -21.15
C TYR A 119 23.68 19.66 -20.51
N ARG A 120 24.99 19.80 -20.69
CA ARG A 120 25.71 20.98 -20.22
C ARG A 120 26.33 21.71 -21.41
N GLY A 121 26.44 23.03 -21.27
CA GLY A 121 27.03 23.82 -22.32
C GLY A 121 28.54 23.72 -22.36
N GLN A 122 29.12 24.40 -23.35
CA GLN A 122 30.58 24.34 -23.53
C GLN A 122 31.29 25.19 -22.49
N GLY A 123 30.70 26.31 -22.11
CA GLY A 123 31.26 27.16 -21.07
C GLY A 123 31.94 28.39 -21.65
N THR A 124 31.92 29.48 -20.88
CA THR A 124 32.58 30.73 -21.24
C THR A 124 33.61 31.06 -20.16
N GLN A 125 34.77 31.54 -20.59
CA GLN A 125 35.87 31.88 -19.68
C GLN A 125 35.67 33.30 -19.18
N VAL A 126 35.17 33.44 -17.96
CA VAL A 126 35.01 34.74 -17.31
C VAL A 126 36.22 34.98 -16.43
N THR A 127 37.04 35.96 -16.79
CA THR A 127 38.28 36.25 -16.08
C THR A 127 38.22 37.66 -15.51
N VAL A 128 38.71 37.80 -14.28
CA VAL A 128 38.69 39.10 -13.61
C VAL A 128 40.12 39.58 -13.37
N LEU B 9 44.11 20.21 -31.66
CA LEU B 9 44.45 21.49 -31.06
C LEU B 9 43.19 22.24 -30.63
N ASP B 10 43.20 23.56 -30.78
CA ASP B 10 42.08 24.40 -30.40
C ASP B 10 41.13 24.70 -31.54
N GLN B 11 41.42 24.21 -32.76
CA GLN B 11 40.57 24.45 -33.91
C GLN B 11 39.71 23.25 -34.28
N LEU B 12 39.74 22.19 -33.47
CA LEU B 12 38.95 21.00 -33.76
C LEU B 12 37.47 21.18 -33.46
N ARG B 13 37.11 22.07 -32.54
CA ARG B 13 35.70 22.26 -32.19
C ARG B 13 34.91 22.79 -33.39
N GLN B 14 35.43 23.80 -34.09
CA GLN B 14 34.71 24.35 -35.23
C GLN B 14 34.63 23.35 -36.37
N GLU B 15 35.68 22.56 -36.58
CA GLU B 15 35.64 21.53 -37.62
C GLU B 15 34.61 20.47 -37.30
N ALA B 16 34.53 20.05 -36.03
CA ALA B 16 33.51 19.07 -35.65
C ALA B 16 32.11 19.66 -35.80
N GLU B 17 31.95 20.94 -35.45
CA GLU B 17 30.65 21.59 -35.64
C GLU B 17 30.26 21.63 -37.11
N GLN B 18 31.23 21.93 -37.99
CA GLN B 18 30.95 21.93 -39.42
C GLN B 18 30.60 20.53 -39.92
N LEU B 19 31.29 19.51 -39.41
CA LEU B 19 30.97 18.14 -39.81
C LEU B 19 29.56 17.76 -39.38
N LYS B 20 29.17 18.13 -38.16
CA LYS B 20 27.82 17.85 -37.70
C LYS B 20 26.78 18.65 -38.46
N ASN B 21 27.11 19.88 -38.88
CA ASN B 21 26.22 20.65 -39.73
C ASN B 21 26.05 19.98 -41.10
N GLN B 22 27.13 19.42 -41.64
CA GLN B 22 27.04 18.68 -42.88
C GLN B 22 26.16 17.44 -42.71
N ILE B 23 26.29 16.76 -41.57
CA ILE B 23 25.42 15.63 -41.29
C ILE B 23 23.96 16.07 -41.24
N ARG B 24 23.69 17.19 -40.57
CA ARG B 24 22.32 17.69 -40.48
C ARG B 24 21.77 18.04 -41.86
N ASP B 25 22.60 18.68 -42.70
CA ASP B 25 22.16 19.04 -44.05
C ASP B 25 21.90 17.79 -44.91
N ALA B 26 22.77 16.78 -44.79
CA ALA B 26 22.57 15.55 -45.54
C ALA B 26 21.30 14.85 -45.10
N ARG B 27 21.02 14.86 -43.80
CA ARG B 27 19.76 14.29 -43.31
C ARG B 27 18.57 15.08 -43.83
N LYS B 28 18.67 16.41 -43.82
CA LYS B 28 17.56 17.24 -44.29
C LYS B 28 17.27 16.99 -45.76
N ALA B 29 18.32 16.85 -46.58
CA ALA B 29 18.13 16.57 -48.00
C ALA B 29 17.45 15.22 -48.21
N CYS B 30 17.70 14.26 -47.32
CA CYS B 30 17.08 12.94 -47.43
C CYS B 30 15.60 12.95 -47.08
N ALA B 31 15.07 14.06 -46.56
CA ALA B 31 13.67 14.17 -46.22
C ALA B 31 12.94 14.95 -47.30
N ASP B 32 11.87 14.37 -47.82
CA ASP B 32 11.09 14.97 -48.90
C ASP B 32 9.85 15.71 -48.40
N ALA B 33 9.05 15.07 -47.56
CA ALA B 33 7.83 15.67 -47.04
C ALA B 33 7.49 15.01 -45.71
N THR B 34 6.49 15.57 -45.02
CA THR B 34 6.09 15.04 -43.73
C THR B 34 5.55 13.62 -43.86
N LEU B 35 5.89 12.78 -42.89
CA LEU B 35 5.46 11.39 -42.93
C LEU B 35 3.93 11.27 -42.86
N SER B 36 3.27 12.23 -42.22
CA SER B 36 1.82 12.13 -42.04
C SER B 36 1.09 12.12 -43.37
N GLN B 37 1.74 12.61 -44.44
CA GLN B 37 1.10 12.64 -45.74
C GLN B 37 1.20 11.32 -46.49
N ILE B 38 1.96 10.35 -45.99
CA ILE B 38 2.11 9.06 -46.63
C ILE B 38 1.23 8.00 -45.98
N THR B 39 1.19 7.97 -44.65
CA THR B 39 0.45 6.96 -43.91
C THR B 39 -0.99 7.37 -43.61
N ASN B 40 -1.43 8.55 -44.08
CA ASN B 40 -2.80 8.97 -43.83
C ASN B 40 -3.82 8.16 -44.61
N ASN B 41 -3.38 7.41 -45.63
CA ASN B 41 -4.29 6.60 -46.42
C ASN B 41 -4.48 5.20 -45.84
N ILE B 42 -3.74 4.82 -44.81
CA ILE B 42 -3.84 3.48 -44.27
C ILE B 42 -5.07 3.36 -43.38
N ASP B 43 -5.51 2.12 -43.19
CA ASP B 43 -6.67 1.86 -42.35
C ASP B 43 -6.28 1.98 -40.89
N PRO B 44 -6.98 2.81 -40.11
CA PRO B 44 -6.70 2.89 -38.67
C PRO B 44 -6.92 1.54 -38.01
N VAL B 45 -6.06 1.23 -37.03
CA VAL B 45 -6.11 -0.08 -36.40
C VAL B 45 -7.41 -0.25 -35.62
N GLY B 46 -7.90 0.82 -35.02
CA GLY B 46 -9.17 0.76 -34.30
C GLY B 46 -9.03 1.00 -32.81
N ARG B 47 -9.32 -0.03 -32.02
CA ARG B 47 -9.22 0.05 -30.57
C ARG B 47 -8.95 -1.33 -30.02
N ILE B 48 -7.98 -1.43 -29.12
CA ILE B 48 -7.50 -2.70 -28.60
C ILE B 48 -7.99 -2.86 -27.16
N GLN B 49 -8.58 -4.01 -26.87
CA GLN B 49 -8.92 -4.40 -25.51
C GLN B 49 -8.09 -5.62 -25.14
N MET B 50 -7.28 -5.51 -24.09
CA MET B 50 -6.64 -6.65 -23.50
C MET B 50 -7.19 -6.84 -22.10
N ARG B 51 -7.22 -8.09 -21.65
CA ARG B 51 -7.58 -8.42 -20.28
C ARG B 51 -6.58 -9.42 -19.72
N THR B 52 -6.33 -9.32 -18.42
CA THR B 52 -5.34 -10.16 -17.77
C THR B 52 -5.82 -11.59 -17.78
N ARG B 53 -5.24 -12.42 -18.64
CA ARG B 53 -5.60 -13.83 -18.67
C ARG B 53 -5.18 -14.52 -17.38
N ARG B 54 -4.02 -14.16 -16.84
CA ARG B 54 -3.55 -14.71 -15.58
C ARG B 54 -2.48 -13.80 -15.00
N THR B 55 -2.43 -13.72 -13.68
CA THR B 55 -1.43 -12.94 -12.97
C THR B 55 -0.54 -13.89 -12.18
N LEU B 56 0.77 -13.77 -12.39
CA LEU B 56 1.73 -14.60 -11.68
C LEU B 56 2.16 -13.88 -10.40
N ARG B 57 1.94 -14.52 -9.25
CA ARG B 57 2.26 -13.93 -7.97
C ARG B 57 3.30 -14.80 -7.26
N GLY B 58 4.03 -14.17 -6.34
CA GLY B 58 5.07 -14.87 -5.61
C GLY B 58 6.29 -14.01 -5.34
N HIS B 59 6.53 -13.02 -6.19
CA HIS B 59 7.63 -12.09 -5.95
C HIS B 59 7.27 -11.16 -4.80
N LEU B 60 8.28 -10.82 -3.99
CA LEU B 60 8.06 -9.96 -2.84
C LEU B 60 8.27 -8.48 -3.17
N ALA B 61 9.47 -8.13 -3.63
CA ALA B 61 9.78 -6.75 -3.97
C ALA B 61 9.40 -6.48 -5.43
N LYS B 62 9.70 -5.27 -5.88
CA LYS B 62 9.34 -4.87 -7.24
C LYS B 62 10.10 -5.69 -8.26
N ILE B 63 9.41 -6.08 -9.32
CA ILE B 63 10.00 -6.82 -10.43
C ILE B 63 10.68 -5.83 -11.36
N TYR B 64 11.96 -6.07 -11.65
CA TYR B 64 12.71 -5.09 -12.44
C TYR B 64 12.86 -5.48 -13.91
N ALA B 65 12.91 -6.77 -14.21
CA ALA B 65 13.02 -7.21 -15.60
C ALA B 65 12.49 -8.63 -15.71
N MET B 66 12.22 -9.04 -16.95
CA MET B 66 11.76 -10.38 -17.23
C MET B 66 11.92 -10.65 -18.71
N HIS B 67 12.09 -11.92 -19.07
CA HIS B 67 12.37 -12.29 -20.45
C HIS B 67 11.58 -13.55 -20.81
N TRP B 68 10.96 -13.53 -21.98
CA TRP B 68 10.28 -14.72 -22.48
C TRP B 68 11.30 -15.74 -22.98
N GLY B 69 10.99 -17.01 -22.77
CA GLY B 69 11.80 -18.07 -23.35
C GLY B 69 11.57 -18.18 -24.85
N THR B 70 12.44 -18.95 -25.50
CA THR B 70 12.28 -19.17 -26.93
C THR B 70 10.96 -19.85 -27.24
N ASP B 71 10.61 -20.86 -26.45
CA ASP B 71 9.24 -21.35 -26.47
C ASP B 71 8.32 -20.30 -25.88
N SER B 72 7.12 -20.23 -26.39
CA SER B 72 6.18 -19.23 -25.91
C SER B 72 5.63 -19.55 -24.54
N ARG B 73 6.14 -20.54 -23.82
CA ARG B 73 5.55 -21.01 -22.58
C ARG B 73 6.34 -20.55 -21.35
N LEU B 74 7.62 -20.87 -21.30
CA LEU B 74 8.43 -20.54 -20.14
C LEU B 74 8.82 -19.06 -20.15
N LEU B 75 9.00 -18.50 -18.96
CA LEU B 75 9.31 -17.08 -18.85
C LEU B 75 10.00 -16.81 -17.52
N VAL B 76 11.14 -16.11 -17.55
CA VAL B 76 11.91 -15.83 -16.35
C VAL B 76 11.60 -14.39 -15.92
N SER B 77 11.67 -14.16 -14.61
CA SER B 77 11.43 -12.84 -14.04
C SER B 77 12.41 -12.58 -12.90
N ALA B 78 12.91 -11.36 -12.83
CA ALA B 78 13.89 -10.94 -11.84
C ALA B 78 13.29 -9.90 -10.92
N SER B 79 13.42 -10.11 -9.61
CA SER B 79 12.88 -9.15 -8.66
C SER B 79 13.96 -8.72 -7.67
N GLN B 80 13.84 -7.48 -7.21
CA GLN B 80 14.81 -6.88 -6.30
C GLN B 80 14.75 -7.46 -4.91
N ASP B 81 13.90 -8.46 -4.63
CA ASP B 81 14.02 -9.21 -3.39
C ASP B 81 15.18 -10.19 -3.42
N GLY B 82 15.83 -10.34 -4.57
CA GLY B 82 16.90 -11.28 -4.73
C GLY B 82 16.51 -12.59 -5.35
N LYS B 83 15.46 -12.61 -6.16
CA LYS B 83 14.90 -13.85 -6.67
C LYS B 83 14.80 -13.82 -8.19
N LEU B 84 15.06 -14.98 -8.80
CA LEU B 84 14.92 -15.21 -10.23
C LEU B 84 13.95 -16.37 -10.37
N ILE B 85 12.72 -16.08 -10.76
CA ILE B 85 11.68 -17.11 -10.79
C ILE B 85 11.32 -17.42 -12.23
N ILE B 86 11.28 -18.71 -12.56
CA ILE B 86 10.88 -19.18 -13.87
C ILE B 86 9.46 -19.71 -13.77
N TRP B 87 8.58 -19.23 -14.65
CA TRP B 87 7.19 -19.61 -14.67
C TRP B 87 6.86 -20.36 -15.96
N ASP B 88 5.94 -21.30 -15.84
CA ASP B 88 5.26 -21.89 -16.99
C ASP B 88 3.96 -21.12 -17.14
N SER B 89 3.95 -20.15 -18.05
CA SER B 89 2.83 -19.22 -18.16
C SER B 89 1.52 -19.91 -18.54
N TYR B 90 1.58 -21.11 -19.11
CA TYR B 90 0.34 -21.81 -19.47
C TYR B 90 -0.48 -22.16 -18.25
N THR B 91 0.17 -22.70 -17.21
CA THR B 91 -0.53 -23.19 -16.03
C THR B 91 -0.16 -22.43 -14.76
N THR B 92 0.51 -21.29 -14.88
CA THR B 92 0.89 -20.46 -13.73
C THR B 92 1.78 -21.26 -12.77
N ASN B 93 2.45 -22.28 -13.27
CA ASN B 93 3.27 -23.12 -12.41
C ASN B 93 4.72 -22.64 -12.41
N LYS B 94 5.27 -22.44 -11.21
CA LYS B 94 6.67 -22.11 -11.09
C LYS B 94 7.53 -23.34 -11.36
N VAL B 95 8.62 -23.14 -12.08
CA VAL B 95 9.54 -24.21 -12.44
C VAL B 95 10.82 -24.15 -11.64
N HIS B 96 11.39 -22.96 -11.46
CA HIS B 96 12.59 -22.77 -10.66
C HIS B 96 12.48 -21.46 -9.90
N ALA B 97 13.14 -21.41 -8.75
CA ALA B 97 13.23 -20.18 -7.95
C ALA B 97 14.68 -20.07 -7.48
N ILE B 98 15.49 -19.38 -8.26
CA ILE B 98 16.92 -19.27 -8.01
C ILE B 98 17.16 -18.09 -7.07
N PRO B 99 17.76 -18.29 -5.91
CA PRO B 99 18.22 -17.16 -5.12
C PRO B 99 19.42 -16.49 -5.77
N LEU B 100 19.57 -15.20 -5.50
CA LEU B 100 20.61 -14.39 -6.12
C LEU B 100 21.64 -13.99 -5.08
N ARG B 101 22.90 -13.91 -5.51
CA ARG B 101 23.97 -13.48 -4.61
C ARG B 101 23.77 -12.04 -4.16
N SER B 102 23.39 -11.17 -5.10
CA SER B 102 23.11 -9.76 -4.80
C SER B 102 21.65 -9.48 -5.10
N SER B 103 20.95 -8.86 -4.15
CA SER B 103 19.52 -8.63 -4.28
C SER B 103 19.17 -7.52 -5.26
N TRP B 104 20.14 -6.74 -5.72
CA TRP B 104 19.86 -5.60 -6.58
C TRP B 104 20.08 -5.98 -8.04
N VAL B 105 19.15 -6.78 -8.55
CA VAL B 105 19.18 -7.22 -9.95
C VAL B 105 18.37 -6.25 -10.79
N MET B 106 18.97 -5.77 -11.87
CA MET B 106 18.31 -4.83 -12.76
C MET B 106 17.97 -5.40 -14.12
N THR B 107 18.49 -6.58 -14.47
CA THR B 107 18.21 -7.18 -15.76
C THR B 107 18.29 -8.69 -15.65
N CYS B 108 17.65 -9.37 -16.59
CA CYS B 108 17.69 -10.82 -16.67
C CYS B 108 17.47 -11.22 -18.12
N ALA B 109 17.89 -12.44 -18.45
CA ALA B 109 17.82 -12.90 -19.83
C ALA B 109 17.54 -14.40 -19.84
N TYR B 110 17.04 -14.86 -20.97
CA TYR B 110 16.74 -16.26 -21.22
C TYR B 110 17.54 -16.72 -22.43
N ALA B 111 18.27 -17.82 -22.29
CA ALA B 111 19.07 -18.30 -23.41
C ALA B 111 18.16 -18.82 -24.52
N PRO B 112 18.54 -18.64 -25.78
CA PRO B 112 17.69 -19.14 -26.88
C PRO B 112 17.47 -20.64 -26.83
N SER B 113 18.46 -21.41 -26.38
CA SER B 113 18.28 -22.85 -26.25
C SER B 113 17.42 -23.21 -25.04
N GLY B 114 17.24 -22.28 -24.11
CA GLY B 114 16.53 -22.57 -22.88
C GLY B 114 17.38 -23.25 -21.82
N ASN B 115 18.65 -23.55 -22.12
CA ASN B 115 19.50 -24.22 -21.14
C ASN B 115 19.96 -23.27 -20.05
N TYR B 116 20.27 -22.03 -20.40
CA TYR B 116 20.92 -21.10 -19.49
C TYR B 116 20.01 -19.91 -19.22
N VAL B 117 20.36 -19.16 -18.17
CA VAL B 117 19.63 -17.95 -17.79
C VAL B 117 20.62 -16.97 -17.19
N ALA B 118 20.56 -15.73 -17.65
CA ALA B 118 21.49 -14.70 -17.20
C ALA B 118 20.78 -13.67 -16.33
N CYS B 119 21.56 -13.03 -15.47
CA CYS B 119 21.04 -11.97 -14.62
C CYS B 119 22.18 -11.01 -14.31
N GLY B 120 21.83 -9.85 -13.79
CA GLY B 120 22.82 -8.87 -13.39
C GLY B 120 22.15 -7.62 -12.87
N GLY B 121 22.98 -6.76 -12.29
CA GLY B 121 22.46 -5.55 -11.69
C GLY B 121 23.51 -4.63 -11.10
N LEU B 122 23.26 -4.13 -9.88
CA LEU B 122 24.13 -3.14 -9.26
C LEU B 122 25.47 -3.69 -8.84
N ASP B 123 25.66 -5.01 -8.87
CA ASP B 123 26.94 -5.59 -8.49
C ASP B 123 27.96 -5.58 -9.63
N ASN B 124 27.60 -5.05 -10.79
CA ASN B 124 28.46 -4.87 -11.96
C ASN B 124 28.91 -6.19 -12.58
N ILE B 125 28.32 -7.31 -12.19
CA ILE B 125 28.71 -8.61 -12.72
C ILE B 125 27.48 -9.27 -13.33
N CYS B 126 27.73 -10.17 -14.28
CA CYS B 126 26.69 -10.93 -14.95
C CYS B 126 26.79 -12.40 -14.53
N SER B 127 25.69 -12.94 -14.02
CA SER B 127 25.63 -14.30 -13.53
C SER B 127 24.90 -15.17 -14.54
N ILE B 128 25.52 -16.29 -14.91
CA ILE B 128 24.95 -17.25 -15.85
C ILE B 128 24.69 -18.54 -15.09
N TYR B 129 23.43 -18.95 -15.05
CA TYR B 129 22.96 -20.15 -14.37
C TYR B 129 22.57 -21.21 -15.40
N ASN B 130 22.83 -22.46 -15.08
CA ASN B 130 22.45 -23.60 -15.89
C ASN B 130 21.16 -24.20 -15.37
N LEU B 131 20.20 -24.42 -16.26
CA LEU B 131 18.91 -24.99 -15.87
C LEU B 131 18.89 -26.50 -16.02
N LYS B 132 19.19 -26.98 -17.24
CA LYS B 132 19.18 -28.42 -17.51
C LYS B 132 20.57 -28.97 -17.16
N THR B 133 20.71 -29.41 -15.92
CA THR B 133 21.95 -30.00 -15.43
C THR B 133 21.63 -31.28 -14.68
N ARG B 134 22.69 -31.94 -14.18
CA ARG B 134 22.52 -33.15 -13.40
C ARG B 134 21.79 -32.84 -12.10
N GLU B 135 20.92 -33.77 -11.68
CA GLU B 135 20.10 -33.71 -10.49
C GLU B 135 19.00 -32.65 -10.58
N GLY B 136 18.95 -31.88 -11.66
CA GLY B 136 17.90 -30.90 -11.85
C GLY B 136 17.87 -29.79 -10.82
N ASN B 137 19.02 -29.38 -10.31
CA ASN B 137 19.12 -28.28 -9.37
C ASN B 137 19.90 -27.14 -10.02
N VAL B 138 19.33 -25.94 -9.98
CA VAL B 138 19.93 -24.80 -10.65
C VAL B 138 21.12 -24.30 -9.84
N ARG B 139 22.27 -24.21 -10.49
CA ARG B 139 23.48 -23.72 -9.87
C ARG B 139 24.14 -22.71 -10.79
N VAL B 140 24.87 -21.77 -10.20
CA VAL B 140 25.56 -20.76 -10.99
C VAL B 140 26.68 -21.42 -11.78
N SER B 141 26.79 -21.08 -13.06
CA SER B 141 27.79 -21.67 -13.92
C SER B 141 28.86 -20.69 -14.37
N ARG B 142 28.59 -19.40 -14.35
CA ARG B 142 29.62 -18.44 -14.74
C ARG B 142 29.32 -17.08 -14.09
N GLU B 143 30.39 -16.35 -13.79
CA GLU B 143 30.29 -15.00 -13.21
C GLU B 143 31.22 -14.08 -13.99
N LEU B 144 30.66 -13.42 -15.00
CA LEU B 144 31.43 -12.50 -15.84
C LEU B 144 31.58 -11.17 -15.13
N ALA B 145 32.83 -10.74 -14.92
CA ALA B 145 33.13 -9.49 -14.26
C ALA B 145 34.07 -8.67 -15.13
N GLY B 146 34.02 -7.36 -14.94
CA GLY B 146 34.84 -6.45 -15.72
C GLY B 146 34.17 -5.14 -16.04
N HIS B 147 32.85 -5.10 -15.95
CA HIS B 147 32.13 -3.85 -16.12
C HIS B 147 32.36 -2.96 -14.91
N THR B 148 32.47 -1.65 -15.16
CA THR B 148 32.72 -0.71 -14.08
C THR B 148 31.43 -0.22 -13.43
N GLY B 149 30.47 0.22 -14.23
CA GLY B 149 29.19 0.66 -13.72
C GLY B 149 28.21 -0.49 -13.56
N TYR B 150 27.03 -0.14 -13.05
CA TYR B 150 25.98 -1.14 -12.85
C TYR B 150 25.56 -1.72 -14.20
N LEU B 151 25.36 -3.04 -14.23
CA LEU B 151 24.98 -3.71 -15.45
C LEU B 151 23.50 -3.47 -15.72
N SER B 152 23.21 -2.77 -16.81
CA SER B 152 21.84 -2.36 -17.09
C SER B 152 21.06 -3.33 -17.97
N CYS B 153 21.73 -4.01 -18.90
CA CYS B 153 21.01 -4.98 -19.72
C CYS B 153 21.94 -6.09 -20.18
N CYS B 154 21.36 -7.25 -20.48
CA CYS B 154 22.11 -8.40 -20.97
C CYS B 154 21.22 -9.24 -21.85
N ARG B 155 21.76 -9.69 -22.98
CA ARG B 155 20.99 -10.48 -23.94
C ARG B 155 21.88 -11.57 -24.51
N PHE B 156 21.34 -12.78 -24.60
CA PHE B 156 22.09 -13.93 -25.07
C PHE B 156 22.14 -13.94 -26.59
N LEU B 157 23.33 -14.20 -27.14
CA LEU B 157 23.43 -14.53 -28.56
C LEU B 157 23.26 -16.02 -28.78
N ASP B 158 23.88 -16.82 -27.93
CA ASP B 158 23.73 -18.26 -27.90
C ASP B 158 24.20 -18.75 -26.56
N ASP B 159 24.39 -20.06 -26.41
CA ASP B 159 24.94 -20.60 -25.18
C ASP B 159 26.39 -20.20 -24.97
N ASN B 160 27.05 -19.65 -25.97
CA ASN B 160 28.48 -19.35 -25.92
C ASN B 160 28.80 -17.91 -25.59
N GLN B 161 28.06 -16.94 -26.12
CA GLN B 161 28.37 -15.54 -25.91
C GLN B 161 27.12 -14.75 -25.54
N ILE B 162 27.32 -13.68 -24.77
CA ILE B 162 26.25 -12.83 -24.29
C ILE B 162 26.73 -11.38 -24.39
N VAL B 163 25.83 -10.47 -24.77
CA VAL B 163 26.14 -9.06 -24.89
C VAL B 163 25.55 -8.33 -23.69
N THR B 164 26.35 -7.47 -23.08
CA THR B 164 25.93 -6.73 -21.90
C THR B 164 26.13 -5.24 -22.13
N SER B 165 25.32 -4.44 -21.44
CA SER B 165 25.47 -2.99 -21.45
C SER B 165 25.39 -2.50 -20.01
N SER B 166 26.37 -1.69 -19.62
CA SER B 166 26.51 -1.25 -18.24
C SER B 166 26.32 0.26 -18.14
N GLY B 167 26.29 0.73 -16.89
CA GLY B 167 26.16 2.13 -16.58
C GLY B 167 27.43 2.94 -16.70
N ASP B 168 28.56 2.30 -17.03
CA ASP B 168 29.81 3.00 -17.25
C ASP B 168 29.98 3.46 -18.69
N THR B 169 28.86 3.67 -19.39
CA THR B 169 28.86 4.15 -20.78
C THR B 169 29.54 3.17 -21.73
N THR B 170 29.40 1.87 -21.47
CA THR B 170 30.04 0.86 -22.30
C THR B 170 29.09 -0.33 -22.52
N CYS B 171 29.34 -1.03 -23.61
CA CYS B 171 28.77 -2.34 -23.87
C CYS B 171 29.90 -3.31 -24.11
N ALA B 172 29.62 -4.61 -24.01
CA ALA B 172 30.64 -5.62 -24.15
C ALA B 172 30.03 -6.90 -24.70
N LEU B 173 30.87 -7.69 -25.37
CA LEU B 173 30.50 -9.03 -25.81
C LEU B 173 31.37 -10.03 -25.07
N TRP B 174 30.74 -10.98 -24.39
CA TRP B 174 31.44 -11.86 -23.48
C TRP B 174 31.67 -13.22 -24.11
N ASP B 175 32.22 -14.13 -23.29
CA ASP B 175 32.54 -15.49 -23.73
C ASP B 175 32.39 -16.37 -22.50
N ILE B 176 31.26 -17.07 -22.40
CA ILE B 176 30.87 -17.70 -21.14
C ILE B 176 31.92 -18.73 -20.69
N GLU B 177 32.39 -19.56 -21.61
CA GLU B 177 33.35 -20.59 -21.25
C GLU B 177 34.69 -19.99 -20.81
N THR B 178 35.21 -19.05 -21.60
CA THR B 178 36.48 -18.42 -21.22
C THR B 178 36.30 -17.41 -20.11
N GLY B 179 35.18 -16.67 -20.12
CA GLY B 179 34.91 -15.68 -19.11
C GLY B 179 35.44 -14.29 -19.39
N GLN B 180 36.18 -14.10 -20.48
CA GLN B 180 36.79 -12.82 -20.79
C GLN B 180 35.89 -12.02 -21.73
N GLN B 181 36.28 -10.78 -21.98
CA GLN B 181 35.55 -9.89 -22.88
C GLN B 181 36.15 -10.03 -24.27
N THR B 182 35.38 -10.58 -25.20
CA THR B 182 35.85 -10.69 -26.57
C THR B 182 36.05 -9.32 -27.21
N THR B 183 35.09 -8.42 -27.02
CA THR B 183 35.21 -7.06 -27.54
C THR B 183 34.38 -6.13 -26.67
N THR B 184 34.70 -4.84 -26.76
CA THR B 184 33.99 -3.80 -26.02
C THR B 184 33.62 -2.66 -26.96
N PHE B 185 32.44 -2.09 -26.73
CA PHE B 185 31.90 -1.02 -27.54
C PHE B 185 31.79 0.24 -26.67
N THR B 186 32.44 1.31 -27.11
CA THR B 186 32.47 2.56 -26.37
C THR B 186 32.11 3.70 -27.30
N GLY B 187 31.75 4.84 -26.71
CA GLY B 187 31.36 6.01 -27.48
C GLY B 187 30.23 6.76 -26.83
N HIS B 188 29.42 6.06 -26.04
CA HIS B 188 28.34 6.71 -25.31
C HIS B 188 28.92 7.60 -24.22
N THR B 189 28.23 8.71 -23.96
CA THR B 189 28.65 9.63 -22.90
C THR B 189 27.91 9.38 -21.59
N GLY B 190 26.62 9.03 -21.65
CA GLY B 190 25.87 8.65 -20.47
C GLY B 190 25.76 7.14 -20.34
N ASP B 191 25.14 6.71 -19.25
CA ASP B 191 24.97 5.29 -18.99
C ASP B 191 24.07 4.66 -20.05
N VAL B 192 24.47 3.47 -20.51
CA VAL B 192 23.63 2.70 -21.42
C VAL B 192 22.52 2.04 -20.61
N MET B 193 21.28 2.25 -21.03
CA MET B 193 20.13 1.78 -20.26
C MET B 193 19.49 0.52 -20.82
N SER B 194 19.58 0.28 -22.12
CA SER B 194 18.96 -0.90 -22.70
C SER B 194 19.63 -1.20 -24.03
N LEU B 195 19.68 -2.49 -24.36
CA LEU B 195 20.19 -2.94 -25.65
C LEU B 195 19.19 -3.91 -26.25
N SER B 196 19.16 -3.95 -27.58
CA SER B 196 18.30 -4.85 -28.31
C SER B 196 19.10 -5.52 -29.41
N LEU B 197 18.96 -6.84 -29.51
CA LEU B 197 19.70 -7.63 -30.47
C LEU B 197 18.85 -7.89 -31.71
N ALA B 198 19.48 -7.76 -32.88
CA ALA B 198 18.78 -8.01 -34.12
C ALA B 198 18.43 -9.49 -34.23
N PRO B 199 17.39 -9.83 -35.01
CA PRO B 199 17.06 -11.24 -35.20
C PRO B 199 18.20 -12.06 -35.76
N ASP B 200 19.03 -11.47 -36.63
CA ASP B 200 20.19 -12.16 -37.17
C ASP B 200 21.36 -12.19 -36.19
N THR B 201 21.27 -11.46 -35.06
CA THR B 201 22.34 -11.37 -34.07
C THR B 201 23.65 -10.92 -34.67
N ARG B 202 23.59 -10.16 -35.78
CA ARG B 202 24.77 -9.57 -36.37
C ARG B 202 24.96 -8.11 -35.99
N LEU B 203 23.92 -7.47 -35.47
CA LEU B 203 24.00 -6.08 -35.03
C LEU B 203 23.08 -5.92 -33.82
N PHE B 204 23.30 -4.83 -33.09
CA PHE B 204 22.42 -4.52 -31.98
C PHE B 204 22.41 -3.02 -31.75
N VAL B 205 21.50 -2.58 -30.88
CA VAL B 205 21.34 -1.16 -30.60
C VAL B 205 21.38 -0.92 -29.11
N SER B 206 21.89 0.25 -28.74
CA SER B 206 22.06 0.65 -27.34
C SER B 206 21.47 2.04 -27.16
N GLY B 207 20.44 2.13 -26.32
CA GLY B 207 19.81 3.38 -25.94
C GLY B 207 20.35 4.01 -24.68
N ALA B 208 21.53 4.64 -24.75
CA ALA B 208 22.13 5.20 -23.55
C ALA B 208 21.33 6.39 -23.03
N CYS B 209 21.64 6.79 -21.80
CA CYS B 209 20.94 7.92 -21.15
C CYS B 209 21.62 9.25 -21.44
N ASP B 210 21.85 9.52 -22.72
CA ASP B 210 22.37 10.81 -23.17
C ASP B 210 21.54 11.38 -24.31
N ALA B 211 20.28 10.98 -24.40
CA ALA B 211 19.39 11.36 -25.51
C ALA B 211 19.98 10.94 -26.85
N SER B 212 20.60 9.77 -26.89
CA SER B 212 21.23 9.28 -28.09
C SER B 212 21.15 7.76 -28.12
N ALA B 213 20.98 7.21 -29.31
CA ALA B 213 20.99 5.77 -29.53
C ALA B 213 22.09 5.43 -30.52
N LYS B 214 22.66 4.24 -30.37
CA LYS B 214 23.77 3.84 -31.22
C LYS B 214 23.51 2.44 -31.77
N LEU B 215 24.03 2.19 -32.98
CA LEU B 215 23.96 0.89 -33.62
C LEU B 215 25.35 0.32 -33.75
N TRP B 216 25.55 -0.89 -33.24
CA TRP B 216 26.84 -1.58 -33.28
C TRP B 216 26.73 -2.87 -34.07
N ASP B 217 27.85 -3.28 -34.64
CA ASP B 217 27.99 -4.61 -35.22
C ASP B 217 28.92 -5.41 -34.33
N VAL B 218 28.51 -6.63 -33.97
CA VAL B 218 29.25 -7.42 -32.99
C VAL B 218 30.51 -8.05 -33.55
N ARG B 219 30.63 -8.16 -34.88
CA ARG B 219 31.76 -8.88 -35.45
C ARG B 219 33.01 -8.00 -35.46
N GLU B 220 32.90 -6.77 -35.95
CA GLU B 220 33.99 -5.79 -35.89
C GLU B 220 33.98 -4.96 -34.62
N GLY B 221 32.90 -4.23 -34.34
CA GLY B 221 32.76 -3.54 -33.07
C GLY B 221 33.03 -2.05 -33.02
N MET B 222 32.48 -1.28 -33.96
CA MET B 222 32.40 0.16 -33.83
C MET B 222 30.98 0.63 -34.14
N CYS B 223 30.65 1.82 -33.62
CA CYS B 223 29.31 2.38 -33.79
C CYS B 223 29.09 2.74 -35.26
N ARG B 224 28.21 1.99 -35.93
CA ARG B 224 27.91 2.29 -37.33
C ARG B 224 27.12 3.58 -37.48
N GLN B 225 26.07 3.74 -36.68
CA GLN B 225 25.19 4.90 -36.78
C GLN B 225 24.83 5.39 -35.39
N THR B 226 24.61 6.70 -35.30
CA THR B 226 24.18 7.34 -34.07
C THR B 226 22.99 8.24 -34.36
N PHE B 227 21.93 8.09 -33.57
CA PHE B 227 20.69 8.82 -33.75
C PHE B 227 20.43 9.68 -32.53
N THR B 228 20.12 10.95 -32.76
CA THR B 228 19.93 11.93 -31.68
C THR B 228 18.65 12.71 -31.96
N GLY B 229 17.53 12.20 -31.44
CA GLY B 229 16.26 12.89 -31.61
C GLY B 229 15.60 13.23 -30.28
N HIS B 230 15.87 12.43 -29.26
CA HIS B 230 15.23 12.63 -27.97
C HIS B 230 15.89 13.79 -27.22
N GLU B 231 15.25 14.18 -26.12
CA GLU B 231 15.71 15.32 -25.32
C GLU B 231 15.95 14.95 -23.86
N SER B 232 15.89 13.68 -23.50
CA SER B 232 16.20 13.23 -22.15
C SER B 232 16.73 11.80 -22.24
N ASP B 233 16.86 11.14 -21.09
CA ASP B 233 17.44 9.81 -21.05
C ASP B 233 16.54 8.81 -21.78
N ILE B 234 17.17 7.91 -22.54
CA ILE B 234 16.45 6.83 -23.19
C ILE B 234 16.42 5.64 -22.25
N ASN B 235 15.24 5.14 -21.93
CA ASN B 235 15.08 4.09 -20.94
C ASN B 235 14.90 2.71 -21.55
N ALA B 236 14.36 2.61 -22.76
CA ALA B 236 14.09 1.33 -23.37
C ALA B 236 14.38 1.41 -24.85
N ILE B 237 14.61 0.24 -25.45
CA ILE B 237 14.90 0.13 -26.87
C ILE B 237 14.61 -1.30 -27.30
N CYS B 238 14.14 -1.46 -28.53
CA CYS B 238 13.81 -2.79 -29.03
C CYS B 238 13.81 -2.74 -30.56
N PHE B 239 14.22 -3.83 -31.17
CA PHE B 239 14.26 -3.94 -32.62
C PHE B 239 12.87 -4.20 -33.19
N PHE B 240 12.62 -3.63 -34.37
CA PHE B 240 11.48 -4.00 -35.17
C PHE B 240 11.63 -5.43 -35.64
N PRO B 241 10.52 -6.16 -35.86
CA PRO B 241 10.63 -7.57 -36.25
C PRO B 241 11.46 -7.80 -37.50
N ASN B 242 11.45 -6.89 -38.46
CA ASN B 242 12.27 -7.07 -39.65
C ASN B 242 13.74 -6.73 -39.41
N GLY B 243 14.06 -6.11 -38.28
CA GLY B 243 15.43 -5.75 -37.97
C GLY B 243 15.94 -4.50 -38.66
N ASN B 244 15.10 -3.81 -39.42
CA ASN B 244 15.50 -2.61 -40.14
C ASN B 244 15.03 -1.33 -39.46
N ALA B 245 14.54 -1.42 -38.23
CA ALA B 245 14.07 -0.26 -37.50
C ALA B 245 14.08 -0.59 -36.02
N PHE B 246 13.92 0.45 -35.20
CA PHE B 246 13.84 0.21 -33.77
C PHE B 246 13.17 1.40 -33.08
N ALA B 247 12.54 1.12 -31.94
CA ALA B 247 11.78 2.12 -31.20
C ALA B 247 12.43 2.39 -29.86
N THR B 248 12.57 3.66 -29.53
CA THR B 248 13.19 4.09 -28.28
C THR B 248 12.18 4.89 -27.47
N GLY B 249 11.99 4.49 -26.21
CA GLY B 249 11.18 5.26 -25.30
C GLY B 249 12.06 6.03 -24.34
N SER B 250 11.73 7.27 -24.03
CA SER B 250 12.64 8.08 -23.24
C SER B 250 11.90 8.69 -22.03
N ASP B 251 12.63 9.51 -21.28
CA ASP B 251 12.12 10.11 -20.04
C ASP B 251 11.34 11.40 -20.29
N ASP B 252 11.27 11.88 -21.52
CA ASP B 252 10.45 13.04 -21.86
C ASP B 252 9.02 12.65 -22.21
N ALA B 253 8.58 11.47 -21.76
CA ALA B 253 7.23 10.96 -22.03
C ALA B 253 6.98 10.79 -23.53
N THR B 254 8.01 10.40 -24.28
CA THR B 254 7.88 10.21 -25.72
C THR B 254 8.52 8.92 -26.16
N CYS B 255 7.89 8.27 -27.13
CA CYS B 255 8.50 7.20 -27.88
C CYS B 255 8.83 7.71 -29.27
N ARG B 256 9.88 7.15 -29.87
CA ARG B 256 10.27 7.54 -31.22
C ARG B 256 10.72 6.31 -31.99
N LEU B 257 10.64 6.41 -33.30
CA LEU B 257 11.01 5.31 -34.18
C LEU B 257 12.14 5.73 -35.10
N PHE B 258 13.10 4.84 -35.29
CA PHE B 258 14.28 5.09 -36.11
C PHE B 258 14.41 4.01 -37.17
N ASP B 259 14.83 4.42 -38.35
CA ASP B 259 15.17 3.51 -39.44
C ASP B 259 16.65 3.69 -39.77
N LEU B 260 17.37 2.57 -39.83
CA LEU B 260 18.82 2.64 -39.99
C LEU B 260 19.20 3.28 -41.32
N ARG B 261 18.62 2.80 -42.42
CA ARG B 261 18.96 3.36 -43.72
C ARG B 261 18.51 4.81 -43.86
N ALA B 262 17.31 5.12 -43.35
CA ALA B 262 16.85 6.51 -43.38
C ALA B 262 17.66 7.39 -42.47
N ASP B 263 18.10 6.86 -41.33
CA ASP B 263 18.92 7.60 -40.37
C ASP B 263 18.22 8.86 -39.88
N GLN B 264 16.91 8.76 -39.65
CA GLN B 264 16.10 9.91 -39.27
C GLN B 264 15.01 9.47 -38.31
N GLU B 265 14.43 10.45 -37.61
CA GLU B 265 13.17 10.23 -36.92
C GLU B 265 12.11 9.84 -37.92
N LEU B 266 11.31 8.83 -37.59
CA LEU B 266 10.18 8.45 -38.42
C LEU B 266 8.86 8.71 -37.72
N MET B 267 8.67 8.14 -36.53
CA MET B 267 7.45 8.32 -35.78
C MET B 267 7.78 8.94 -34.42
N THR B 268 6.86 9.77 -33.93
CA THR B 268 7.00 10.39 -32.60
C THR B 268 5.69 10.16 -31.85
N TYR B 269 5.64 9.08 -31.08
CA TYR B 269 4.46 8.74 -30.30
C TYR B 269 4.46 9.56 -29.02
N SER B 270 3.49 10.47 -28.90
CA SER B 270 3.38 11.37 -27.77
C SER B 270 1.94 11.84 -27.64
N HIS B 271 1.64 12.42 -26.49
CA HIS B 271 0.32 13.00 -26.22
C HIS B 271 0.46 14.00 -25.09
N ASP B 272 -0.41 15.02 -25.10
CA ASP B 272 -0.31 16.09 -24.11
C ASP B 272 -0.57 15.57 -22.70
N ASN B 273 -1.56 14.68 -22.54
CA ASN B 273 -1.87 14.14 -21.22
C ASN B 273 -0.74 13.27 -20.67
N ILE B 274 0.14 12.77 -21.53
CA ILE B 274 1.24 11.93 -21.09
C ILE B 274 2.31 12.82 -20.46
N ILE B 275 2.67 12.52 -19.22
CA ILE B 275 3.62 13.30 -18.44
C ILE B 275 4.84 12.47 -18.06
N CYS B 276 4.63 11.32 -17.44
CA CYS B 276 5.73 10.47 -17.01
C CYS B 276 6.39 9.81 -18.22
N GLY B 277 7.66 9.44 -18.05
CA GLY B 277 8.45 8.87 -19.11
C GLY B 277 8.13 7.42 -19.38
N ILE B 278 8.87 6.84 -20.31
CA ILE B 278 8.67 5.46 -20.75
C ILE B 278 9.67 4.58 -20.02
N THR B 279 9.20 3.46 -19.49
CA THR B 279 10.08 2.54 -18.78
C THR B 279 10.47 1.32 -19.59
N SER B 280 9.57 0.80 -20.43
CA SER B 280 9.87 -0.37 -21.24
C SER B 280 9.17 -0.23 -22.58
N VAL B 281 9.77 -0.80 -23.61
CA VAL B 281 9.23 -0.74 -24.97
C VAL B 281 9.41 -2.11 -25.61
N SER B 282 8.38 -2.58 -26.30
CA SER B 282 8.46 -3.81 -27.07
C SER B 282 7.55 -3.70 -28.27
N PHE B 283 7.79 -4.54 -29.27
CA PHE B 283 6.95 -4.57 -30.45
C PHE B 283 6.12 -5.85 -30.46
N SER B 284 5.32 -6.01 -31.50
CA SER B 284 4.49 -7.18 -31.68
C SER B 284 5.03 -8.04 -32.82
N LYS B 285 4.30 -9.11 -33.13
CA LYS B 285 4.77 -10.05 -34.15
C LYS B 285 4.85 -9.39 -35.52
N SER B 286 3.83 -8.60 -35.87
CA SER B 286 3.81 -7.96 -37.18
C SER B 286 4.47 -6.58 -37.18
N GLY B 287 4.85 -6.06 -36.02
CA GLY B 287 5.33 -4.71 -35.95
C GLY B 287 4.26 -3.65 -36.05
N ARG B 288 2.98 -4.05 -36.05
CA ARG B 288 1.90 -3.08 -36.11
C ARG B 288 1.51 -2.55 -34.74
N LEU B 289 2.02 -3.12 -33.67
CA LEU B 289 1.72 -2.65 -32.33
C LEU B 289 3.00 -2.44 -31.55
N LEU B 290 3.14 -1.27 -30.95
CA LEU B 290 4.23 -0.95 -30.06
C LEU B 290 3.66 -0.83 -28.65
N LEU B 291 4.06 -1.72 -27.77
CA LEU B 291 3.63 -1.67 -26.38
C LEU B 291 4.70 -0.94 -25.57
N ALA B 292 4.26 -0.03 -24.70
CA ALA B 292 5.17 0.79 -23.93
C ALA B 292 4.72 0.86 -22.48
N GLY B 293 5.67 0.82 -21.57
CA GLY B 293 5.40 0.95 -20.15
C GLY B 293 5.67 2.37 -19.69
N TYR B 294 4.91 2.81 -18.68
CA TYR B 294 4.98 4.18 -18.21
C TYR B 294 5.02 4.21 -16.69
N ASP B 295 5.51 5.30 -16.14
CA ASP B 295 5.48 5.50 -14.70
C ASP B 295 4.07 5.80 -14.17
N ASP B 296 3.10 6.00 -15.06
CA ASP B 296 1.72 6.27 -14.68
C ASP B 296 0.96 5.01 -14.29
N PHE B 297 1.66 3.91 -14.02
CA PHE B 297 1.09 2.65 -13.54
C PHE B 297 0.28 1.93 -14.60
N ASN B 298 0.48 2.25 -15.87
CA ASN B 298 -0.24 1.58 -16.94
C ASN B 298 0.61 1.56 -18.20
N CYS B 299 0.28 0.64 -19.10
CA CYS B 299 0.96 0.52 -20.38
C CYS B 299 0.07 1.06 -21.49
N ASN B 300 0.69 1.42 -22.60
CA ASN B 300 -0.05 1.92 -23.76
C ASN B 300 0.36 1.14 -25.00
N VAL B 301 -0.54 1.08 -25.97
CA VAL B 301 -0.40 0.25 -27.14
C VAL B 301 -0.60 1.15 -28.35
N TRP B 302 0.50 1.65 -28.90
CA TRP B 302 0.51 2.51 -30.07
C TRP B 302 0.54 1.67 -31.34
N ASP B 303 0.20 2.32 -32.45
CA ASP B 303 0.41 1.74 -33.77
C ASP B 303 1.70 2.30 -34.34
N ALA B 304 2.49 1.43 -34.98
CA ALA B 304 3.74 1.88 -35.55
C ALA B 304 3.50 2.94 -36.62
N LEU B 305 2.49 2.72 -37.47
CA LEU B 305 2.25 3.62 -38.60
C LEU B 305 1.28 4.75 -38.23
N LYS B 306 0.09 4.38 -37.73
CA LYS B 306 -0.92 5.38 -37.40
C LYS B 306 -0.43 6.30 -36.28
N ALA B 307 0.18 5.73 -35.25
CA ALA B 307 0.72 6.50 -34.13
C ALA B 307 -0.37 7.30 -33.41
N ASP B 308 -1.35 6.56 -32.88
CA ASP B 308 -2.46 7.24 -32.21
C ASP B 308 -2.95 6.54 -30.96
N ARG B 309 -2.13 5.71 -30.32
CA ARG B 309 -2.45 5.12 -29.02
C ARG B 309 -3.76 4.34 -29.07
N ALA B 310 -3.71 3.24 -29.83
CA ALA B 310 -4.91 2.43 -30.04
C ALA B 310 -5.44 1.84 -28.73
N GLY B 311 -4.55 1.30 -27.90
CA GLY B 311 -4.97 0.56 -26.74
C GLY B 311 -4.32 1.05 -25.46
N VAL B 312 -4.93 0.67 -24.34
CA VAL B 312 -4.41 0.96 -23.01
C VAL B 312 -4.50 -0.30 -22.17
N LEU B 313 -3.43 -0.61 -21.45
CA LEU B 313 -3.36 -1.76 -20.55
C LEU B 313 -3.30 -1.22 -19.13
N ALA B 314 -4.40 -1.35 -18.39
CA ALA B 314 -4.47 -0.85 -17.02
C ALA B 314 -4.78 -1.99 -16.07
N GLY B 315 -4.28 -1.87 -14.85
CA GLY B 315 -4.49 -2.90 -13.86
C GLY B 315 -3.30 -3.13 -12.96
N HIS B 316 -2.21 -2.42 -13.22
CA HIS B 316 -1.03 -2.49 -12.37
C HIS B 316 -1.12 -1.42 -11.29
N ASP B 317 -0.87 -1.82 -10.05
CA ASP B 317 -1.01 -0.90 -8.91
C ASP B 317 0.21 -0.03 -8.70
N ASN B 318 1.27 -0.22 -9.48
CA ASN B 318 2.49 0.59 -9.33
C ASN B 318 3.11 0.76 -10.71
N ARG B 319 4.33 1.29 -10.72
CA ARG B 319 5.01 1.59 -11.97
C ARG B 319 5.26 0.32 -12.78
N VAL B 320 5.02 0.38 -14.08
CA VAL B 320 5.30 -0.74 -14.97
C VAL B 320 6.78 -0.72 -15.32
N SER B 321 7.46 -1.83 -15.07
CA SER B 321 8.90 -1.92 -15.22
C SER B 321 9.35 -2.68 -16.46
N CYS B 322 8.76 -3.84 -16.73
CA CYS B 322 9.23 -4.70 -17.81
C CYS B 322 8.08 -5.09 -18.72
N LEU B 323 8.39 -5.21 -20.00
CA LEU B 323 7.40 -5.53 -21.02
C LEU B 323 8.01 -6.56 -21.96
N GLY B 324 7.18 -7.47 -22.48
CA GLY B 324 7.72 -8.44 -23.41
C GLY B 324 6.69 -9.28 -24.13
N VAL B 325 6.82 -9.37 -25.44
CA VAL B 325 5.92 -10.13 -26.29
C VAL B 325 6.65 -11.38 -26.76
N THR B 326 5.97 -12.52 -26.74
CA THR B 326 6.60 -13.77 -27.11
C THR B 326 6.92 -13.79 -28.60
N ASP B 327 7.71 -14.80 -28.99
CA ASP B 327 8.16 -14.87 -30.37
C ASP B 327 7.00 -15.20 -31.32
N ASP B 328 6.03 -15.98 -30.86
CA ASP B 328 4.87 -16.28 -31.67
C ASP B 328 3.79 -15.23 -31.56
N GLY B 329 3.94 -14.24 -30.68
CA GLY B 329 2.99 -13.16 -30.57
C GLY B 329 1.68 -13.53 -29.91
N MET B 330 1.58 -14.72 -29.32
CA MET B 330 0.31 -15.17 -28.77
C MET B 330 0.00 -14.56 -27.41
N ALA B 331 0.95 -13.89 -26.77
CA ALA B 331 0.70 -13.28 -25.48
C ALA B 331 1.69 -12.15 -25.26
N VAL B 332 1.39 -11.31 -24.27
CA VAL B 332 2.32 -10.29 -23.80
C VAL B 332 2.42 -10.40 -22.29
N ALA B 333 3.54 -9.96 -21.74
CA ALA B 333 3.76 -10.01 -20.30
C ALA B 333 4.25 -8.65 -19.82
N THR B 334 3.67 -8.20 -18.71
CA THR B 334 4.03 -6.93 -18.08
C THR B 334 4.36 -7.20 -16.62
N GLY B 335 5.57 -6.84 -16.21
CA GLY B 335 5.98 -6.94 -14.83
C GLY B 335 6.08 -5.54 -14.23
N SER B 336 5.38 -5.34 -13.12
CA SER B 336 5.29 -4.00 -12.55
C SER B 336 6.00 -3.96 -11.20
N TRP B 337 6.08 -2.76 -10.63
CA TRP B 337 6.75 -2.53 -9.37
C TRP B 337 5.92 -2.99 -8.16
N ASP B 338 4.68 -3.41 -8.38
CA ASP B 338 3.86 -3.97 -7.32
C ASP B 338 4.11 -5.46 -7.12
N SER B 339 5.23 -5.97 -7.62
CA SER B 339 5.61 -7.38 -7.50
C SER B 339 4.61 -8.30 -8.20
N PHE B 340 4.12 -7.87 -9.36
CA PHE B 340 3.13 -8.64 -10.11
C PHE B 340 3.52 -8.76 -11.57
N LEU B 341 3.39 -9.98 -12.09
CA LEU B 341 3.50 -10.27 -13.50
C LEU B 341 2.10 -10.52 -14.05
N LYS B 342 1.78 -9.90 -15.18
CA LYS B 342 0.47 -10.03 -15.80
C LYS B 342 0.64 -10.50 -17.23
N ILE B 343 -0.14 -11.49 -17.63
CA ILE B 343 -0.15 -12.00 -18.99
C ILE B 343 -1.42 -11.50 -19.68
N TRP B 344 -1.25 -10.95 -20.88
CA TRP B 344 -2.33 -10.32 -21.62
C TRP B 344 -2.48 -10.99 -22.98
N ASN B 345 -3.73 -11.15 -23.39
CA ASN B 345 -4.06 -11.69 -24.70
C ASN B 345 -5.46 -11.24 -25.12
N GLN C 12 -5.55 -36.43 -15.35
CA GLN C 12 -4.55 -35.41 -15.08
C GLN C 12 -3.43 -35.99 -14.21
N ARG C 13 -2.42 -36.57 -14.85
CA ARG C 13 -1.33 -37.19 -14.12
C ARG C 13 0.02 -36.72 -14.65
N ASN C 14 0.08 -36.28 -15.90
CA ASN C 14 1.33 -35.80 -16.46
C ASN C 14 1.78 -34.51 -15.79
N GLU C 15 0.84 -33.60 -15.54
CA GLU C 15 1.09 -32.37 -14.80
C GLU C 15 0.73 -32.49 -13.33
N GLU C 16 0.57 -33.71 -12.81
CA GLU C 16 0.32 -33.90 -11.40
C GLU C 16 1.63 -33.78 -10.63
N LYS C 17 2.60 -34.65 -10.94
CA LYS C 17 3.91 -34.54 -10.30
C LYS C 17 4.65 -33.30 -10.79
N ALA C 18 4.50 -32.95 -12.05
CA ALA C 18 5.14 -31.73 -12.57
C ALA C 18 4.65 -30.48 -11.85
N GLN C 19 3.48 -30.56 -11.20
CA GLN C 19 3.00 -29.47 -10.35
C GLN C 19 3.41 -29.66 -8.91
N ARG C 20 3.25 -30.85 -8.34
CA ARG C 20 3.56 -31.07 -6.93
C ARG C 20 5.04 -30.83 -6.65
N GLU C 21 5.93 -31.47 -7.43
CA GLU C 21 7.35 -31.39 -7.13
C GLU C 21 7.89 -29.98 -7.34
N ALA C 22 7.31 -29.22 -8.27
CA ALA C 22 7.86 -27.91 -8.57
C ALA C 22 7.15 -26.80 -7.81
N ASN C 23 5.86 -26.61 -8.07
CA ASN C 23 5.17 -25.42 -7.58
C ASN C 23 5.03 -25.44 -6.07
N LYS C 24 4.63 -26.59 -5.51
CA LYS C 24 4.41 -26.65 -4.06
C LYS C 24 5.71 -26.45 -3.30
N LYS C 25 6.78 -27.11 -3.71
CA LYS C 25 8.06 -26.94 -3.02
C LYS C 25 8.59 -25.51 -3.19
N ILE C 26 8.44 -24.95 -4.38
CA ILE C 26 8.93 -23.59 -4.60
C ILE C 26 8.14 -22.60 -3.77
N GLU C 27 6.82 -22.79 -3.66
CA GLU C 27 6.02 -21.91 -2.82
C GLU C 27 6.36 -22.08 -1.35
N LYS C 28 6.67 -23.31 -0.92
CA LYS C 28 7.11 -23.50 0.46
C LYS C 28 8.40 -22.73 0.73
N GLN C 29 9.36 -22.80 -0.19
CA GLN C 29 10.61 -22.06 -0.03
C GLN C 29 10.36 -20.56 -0.04
N LEU C 30 9.47 -20.09 -0.92
CA LEU C 30 9.16 -18.67 -1.00
C LEU C 30 8.51 -18.18 0.29
N GLN C 31 7.60 -18.97 0.86
CA GLN C 31 7.02 -18.61 2.14
C GLN C 31 8.07 -18.64 3.25
N LYS C 32 9.02 -19.56 3.16
CA LYS C 32 10.07 -19.63 4.18
C LYS C 32 10.94 -18.38 4.16
N ASP C 33 11.31 -17.89 2.98
CA ASP C 33 12.21 -16.75 2.91
C ASP C 33 11.49 -15.41 2.85
N LYS C 34 10.17 -15.40 2.64
CA LYS C 34 9.43 -14.14 2.66
C LYS C 34 9.45 -13.50 4.05
N GLN C 35 9.31 -14.32 5.10
CA GLN C 35 9.36 -13.78 6.44
C GLN C 35 10.76 -13.27 6.78
N VAL C 36 11.80 -13.92 6.26
CA VAL C 36 13.16 -13.41 6.44
C VAL C 36 13.32 -12.07 5.75
N TYR C 37 12.79 -11.95 4.52
CA TYR C 37 12.87 -10.68 3.81
C TYR C 37 12.13 -9.58 4.56
N ARG C 38 10.94 -9.88 5.08
CA ARG C 38 10.16 -8.87 5.77
C ARG C 38 10.70 -8.55 7.16
N ALA C 39 11.50 -9.43 7.74
CA ALA C 39 12.04 -9.21 9.07
C ALA C 39 13.31 -8.38 9.08
N THR C 40 13.81 -7.96 7.92
CA THR C 40 15.02 -7.16 7.82
C THR C 40 14.69 -5.78 7.27
N HIS C 41 15.51 -4.80 7.67
CA HIS C 41 15.37 -3.43 7.22
C HIS C 41 16.52 -3.07 6.30
N ARG C 42 16.20 -2.57 5.11
CA ARG C 42 17.21 -2.22 4.11
C ARG C 42 17.46 -0.72 4.16
N LEU C 43 18.71 -0.35 4.41
CA LEU C 43 19.12 1.04 4.48
C LEU C 43 20.10 1.33 3.34
N LEU C 44 20.05 2.55 2.83
CA LEU C 44 20.99 3.00 1.80
C LEU C 44 21.89 4.06 2.41
N LEU C 45 23.21 3.85 2.31
CA LEU C 45 24.16 4.78 2.86
C LEU C 45 24.63 5.74 1.78
N LEU C 46 24.55 7.03 2.05
CA LEU C 46 24.92 8.06 1.10
C LEU C 46 25.91 9.02 1.75
N GLY C 47 26.68 9.69 0.91
CA GLY C 47 27.64 10.66 1.38
C GLY C 47 28.74 10.89 0.37
N ALA C 48 29.40 12.03 0.52
CA ALA C 48 30.49 12.38 -0.38
C ALA C 48 31.75 11.61 -0.02
N GLY C 49 32.74 11.68 -0.91
CA GLY C 49 33.97 10.93 -0.73
C GLY C 49 34.77 11.35 0.49
N GLU C 50 34.49 12.52 1.05
CA GLU C 50 35.19 13.02 2.23
C GLU C 50 34.28 13.05 3.46
N SER C 51 33.15 12.35 3.41
CA SER C 51 32.20 12.36 4.51
C SER C 51 32.57 11.41 5.64
N GLY C 52 33.52 10.50 5.42
CA GLY C 52 33.86 9.54 6.45
C GLY C 52 32.82 8.46 6.64
N LYS C 53 32.02 8.16 5.62
CA LYS C 53 31.01 7.12 5.75
C LYS C 53 31.62 5.75 5.90
N ASN C 54 32.80 5.52 5.31
CA ASN C 54 33.47 4.23 5.49
C ASN C 54 33.88 4.02 6.94
N THR C 55 34.29 5.10 7.62
CA THR C 55 34.58 4.98 9.04
C THR C 55 33.32 4.59 9.82
N ILE C 56 32.17 5.14 9.43
CA ILE C 56 30.91 4.74 10.06
C ILE C 56 30.65 3.26 9.81
N VAL C 57 30.88 2.80 8.58
CA VAL C 57 30.67 1.40 8.24
C VAL C 57 31.53 0.50 9.11
N LYS C 58 32.82 0.81 9.20
CA LYS C 58 33.71 0.00 10.03
C LYS C 58 33.31 0.05 11.49
N GLN C 59 32.98 1.24 12.00
CA GLN C 59 32.63 1.40 13.40
C GLN C 59 31.40 0.59 13.77
N MET C 60 30.39 0.57 12.90
CA MET C 60 29.18 -0.17 13.19
C MET C 60 29.22 -1.61 12.71
N ARG C 61 30.27 -2.02 12.02
CA ARG C 61 30.41 -3.40 11.58
C ARG C 61 31.32 -4.23 12.47
N ILE C 62 32.31 -3.60 13.13
CA ILE C 62 33.28 -4.38 13.90
C ILE C 62 32.58 -5.18 14.99
N LEU C 63 31.56 -4.61 15.64
CA LEU C 63 30.83 -5.31 16.68
C LEU C 63 29.55 -5.95 16.18
N HIS C 64 29.51 -6.41 14.93
CA HIS C 64 28.36 -7.12 14.41
C HIS C 64 28.79 -8.20 13.42
N SER C 205 31.83 -5.79 -6.14
CA SER C 205 32.65 -4.59 -6.23
C SER C 205 31.78 -3.37 -6.51
N GLY C 206 30.68 -3.58 -7.22
CA GLY C 206 29.78 -2.49 -7.53
C GLY C 206 28.89 -2.04 -6.40
N ILE C 207 28.80 -2.82 -5.33
CA ILE C 207 28.00 -2.45 -4.17
C ILE C 207 28.49 -3.29 -2.99
N PHE C 208 28.50 -2.67 -1.81
CA PHE C 208 28.96 -3.31 -0.59
C PHE C 208 27.80 -3.44 0.38
N GLU C 209 27.69 -4.60 1.02
CA GLU C 209 26.63 -4.87 1.97
C GLU C 209 27.22 -5.04 3.36
N THR C 210 26.58 -4.41 4.35
CA THR C 210 27.00 -4.49 5.75
C THR C 210 25.80 -4.92 6.57
N LYS C 211 25.76 -6.20 6.93
CA LYS C 211 24.68 -6.75 7.73
C LYS C 211 25.02 -6.60 9.20
N PHE C 212 24.21 -5.82 9.92
CA PHE C 212 24.36 -5.66 11.35
C PHE C 212 22.99 -5.77 12.00
N GLN C 213 22.97 -6.23 13.25
CA GLN C 213 21.73 -6.45 13.97
C GLN C 213 21.84 -5.84 15.37
N VAL C 214 20.81 -5.11 15.77
CA VAL C 214 20.75 -4.48 17.08
C VAL C 214 19.47 -4.96 17.76
N ASP C 215 19.63 -5.49 18.98
CA ASP C 215 18.57 -6.14 19.76
C ASP C 215 17.64 -6.98 18.88
N LYS C 216 18.23 -7.94 18.19
CA LYS C 216 17.53 -8.98 17.44
C LYS C 216 16.70 -8.42 16.28
N VAL C 217 17.08 -7.26 15.75
CA VAL C 217 16.48 -6.71 14.54
C VAL C 217 17.57 -6.62 13.48
N ASN C 218 17.30 -7.15 12.30
CA ASN C 218 18.32 -7.26 11.27
C ASN C 218 18.29 -6.05 10.33
N PHE C 219 19.47 -5.49 10.08
CA PHE C 219 19.62 -4.36 9.18
C PHE C 219 20.65 -4.70 8.11
N HIS C 220 20.29 -4.46 6.86
CA HIS C 220 21.21 -4.57 5.74
C HIS C 220 21.46 -3.18 5.20
N MET C 221 22.70 -2.69 5.34
CA MET C 221 23.07 -1.36 4.89
C MET C 221 23.88 -1.49 3.62
N PHE C 222 23.45 -0.81 2.57
CA PHE C 222 24.07 -0.89 1.25
C PHE C 222 24.81 0.41 0.96
N ASP C 223 26.11 0.30 0.74
CA ASP C 223 26.97 1.42 0.43
C ASP C 223 27.40 1.25 -1.02
N VAL C 224 27.14 2.27 -1.83
CA VAL C 224 27.43 2.18 -3.26
C VAL C 224 28.89 2.50 -3.50
N GLY C 225 29.60 1.59 -4.17
CA GLY C 225 30.99 1.81 -4.50
C GLY C 225 31.27 1.37 -5.93
N ALA C 226 32.38 1.87 -6.45
CA ALA C 226 32.79 1.58 -7.83
C ALA C 226 31.68 1.95 -8.81
N GLN C 227 31.09 3.12 -8.60
CA GLN C 227 30.01 3.62 -9.44
C GLN C 227 30.36 5.01 -9.94
N ARG C 228 29.74 5.39 -11.06
CA ARG C 228 29.95 6.71 -11.62
C ARG C 228 29.20 7.76 -10.80
N ASP C 229 29.58 9.02 -10.99
CA ASP C 229 28.95 10.10 -10.25
C ASP C 229 27.51 10.33 -10.69
N GLU C 230 27.21 10.11 -11.97
CA GLU C 230 25.85 10.27 -12.47
C GLU C 230 24.97 9.19 -11.85
N ARG C 231 24.13 9.58 -10.88
CA ARG C 231 23.39 8.61 -10.09
C ARG C 231 21.89 8.85 -10.12
N ARG C 232 21.38 9.60 -11.09
CA ARG C 232 19.94 9.78 -11.21
C ARG C 232 19.22 8.51 -11.64
N LYS C 233 19.95 7.50 -12.10
CA LYS C 233 19.34 6.28 -12.64
C LYS C 233 19.31 5.14 -11.63
N TRP C 234 20.43 4.78 -11.04
CA TRP C 234 20.42 3.69 -10.08
C TRP C 234 19.85 4.08 -8.73
N ILE C 235 19.63 5.38 -8.48
CA ILE C 235 19.01 5.79 -7.23
C ILE C 235 17.57 5.31 -7.15
N GLN C 236 16.94 5.02 -8.29
CA GLN C 236 15.57 4.54 -8.29
C GLN C 236 15.45 3.14 -7.71
N CYS C 237 16.56 2.39 -7.65
CA CYS C 237 16.51 1.03 -7.13
C CYS C 237 16.09 1.03 -5.67
N PHE C 238 16.58 2.00 -4.89
CA PHE C 238 16.25 2.10 -3.49
C PHE C 238 14.91 2.79 -3.29
N ASN C 239 13.89 2.30 -3.99
CA ASN C 239 12.56 2.88 -3.87
C ASN C 239 11.94 2.59 -2.51
N ASP C 240 12.14 1.38 -1.98
CA ASP C 240 11.42 0.90 -0.82
C ASP C 240 12.35 0.58 0.34
N VAL C 241 13.51 1.24 0.41
CA VAL C 241 14.35 1.11 1.58
C VAL C 241 13.65 1.73 2.78
N THR C 242 13.90 1.19 3.97
CA THR C 242 13.23 1.71 5.15
C THR C 242 13.70 3.13 5.47
N ALA C 243 14.94 3.46 5.13
CA ALA C 243 15.48 4.79 5.37
C ALA C 243 16.72 4.97 4.51
N ILE C 244 17.11 6.23 4.36
CA ILE C 244 18.33 6.60 3.65
C ILE C 244 19.23 7.33 4.64
N ILE C 245 20.46 6.86 4.77
CA ILE C 245 21.43 7.49 5.66
C ILE C 245 22.23 8.50 4.85
N PHE C 246 22.17 9.77 5.24
CA PHE C 246 22.96 10.82 4.62
C PHE C 246 24.03 11.27 5.60
N VAL C 247 25.27 11.34 5.13
CA VAL C 247 26.40 11.72 5.96
C VAL C 247 27.05 12.96 5.34
N VAL C 248 27.25 13.99 6.16
CA VAL C 248 27.78 15.27 5.70
C VAL C 248 29.07 15.55 6.46
N ALA C 249 30.09 16.00 5.75
CA ALA C 249 31.36 16.40 6.36
C ALA C 249 31.27 17.88 6.71
N SER C 250 30.58 18.17 7.82
CA SER C 250 30.36 19.54 8.27
C SER C 250 31.65 20.07 8.89
N SER C 251 32.63 20.33 8.03
CA SER C 251 33.90 20.89 8.44
C SER C 251 34.66 21.43 7.24
N ASN C 264 32.49 26.25 -0.15
CA ASN C 264 33.63 25.34 -0.26
C ASN C 264 33.16 23.90 -0.43
N ARG C 265 32.53 23.36 0.59
CA ARG C 265 32.08 21.97 0.57
C ARG C 265 30.63 21.82 0.98
N LEU C 266 30.10 22.72 1.80
CA LEU C 266 28.77 22.53 2.34
C LEU C 266 27.69 22.81 1.29
N GLN C 267 27.97 23.68 0.33
CA GLN C 267 26.97 23.97 -0.69
C GLN C 267 26.64 22.75 -1.54
N ALA C 268 27.67 22.00 -1.93
CA ALA C 268 27.44 20.79 -2.71
C ALA C 268 26.65 19.75 -1.92
N ALA C 269 26.99 19.58 -0.63
CA ALA C 269 26.25 18.63 0.19
C ALA C 269 24.80 19.07 0.38
N LEU C 270 24.58 20.36 0.60
CA LEU C 270 23.22 20.87 0.75
C LEU C 270 22.42 20.65 -0.52
N LYS C 271 23.01 20.93 -1.69
CA LYS C 271 22.32 20.72 -2.94
C LYS C 271 22.02 19.25 -3.17
N LEU C 272 22.96 18.37 -2.80
CA LEU C 272 22.74 16.94 -2.98
C LEU C 272 21.60 16.44 -2.08
N PHE C 273 21.57 16.88 -0.83
CA PHE C 273 20.47 16.52 0.05
C PHE C 273 19.14 17.09 -0.45
N ASP C 274 19.15 18.31 -0.98
CA ASP C 274 17.96 18.87 -1.59
C ASP C 274 17.48 18.03 -2.76
N SER C 275 18.41 17.58 -3.60
CA SER C 275 18.05 16.76 -4.75
C SER C 275 17.46 15.42 -4.32
N ILE C 276 18.05 14.78 -3.32
CA ILE C 276 17.47 13.52 -2.88
C ILE C 276 16.14 13.75 -2.17
N TRP C 277 15.95 14.93 -1.59
CA TRP C 277 14.72 15.21 -0.85
C TRP C 277 13.50 15.25 -1.77
N ASN C 278 13.64 15.85 -2.96
CA ASN C 278 12.51 16.15 -3.82
C ASN C 278 12.34 15.16 -4.97
N ASN C 279 13.12 14.09 -5.02
CA ASN C 279 12.97 13.13 -6.12
C ASN C 279 11.64 12.41 -6.02
N LYS C 280 11.11 12.03 -7.19
CA LYS C 280 9.80 11.39 -7.24
C LYS C 280 9.82 10.03 -6.54
N TRP C 281 10.90 9.26 -6.72
CA TRP C 281 10.97 7.92 -6.18
C TRP C 281 11.46 7.88 -4.74
N LEU C 282 11.96 8.99 -4.20
CA LEU C 282 12.38 9.09 -2.82
C LEU C 282 11.47 10.02 -2.02
N ARG C 283 10.27 10.30 -2.53
CA ARG C 283 9.38 11.25 -1.89
C ARG C 283 8.92 10.77 -0.52
N ASP C 284 8.67 9.48 -0.38
CA ASP C 284 8.10 8.93 0.85
C ASP C 284 9.10 8.17 1.69
N THR C 285 10.38 8.17 1.33
CA THR C 285 11.41 7.49 2.10
C THR C 285 12.15 8.51 2.96
N SER C 286 12.10 8.33 4.28
CA SER C 286 12.72 9.27 5.18
C SER C 286 14.24 9.18 5.11
N VAL C 287 14.90 10.21 5.63
CA VAL C 287 16.35 10.28 5.60
C VAL C 287 16.88 10.54 7.00
N ILE C 288 17.89 9.77 7.39
CA ILE C 288 18.60 10.00 8.63
C ILE C 288 19.87 10.79 8.30
N LEU C 289 19.95 12.01 8.81
CA LEU C 289 21.05 12.91 8.53
C LEU C 289 22.13 12.74 9.60
N PHE C 290 23.37 12.58 9.18
CA PHE C 290 24.51 12.47 10.08
C PHE C 290 25.45 13.63 9.79
N LEU C 291 25.45 14.63 10.67
CA LEU C 291 26.38 15.75 10.56
C LEU C 291 27.73 15.28 11.11
N ASN C 292 28.46 14.58 10.25
CA ASN C 292 29.68 13.89 10.67
C ASN C 292 30.78 14.89 11.01
N LYS C 293 31.86 14.35 11.59
CA LYS C 293 33.07 15.11 11.88
C LYS C 293 32.77 16.31 12.77
N GLN C 294 32.25 16.03 13.97
CA GLN C 294 31.95 17.12 14.90
C GLN C 294 33.21 17.68 15.55
N ASP C 295 34.19 16.83 15.83
CA ASP C 295 35.43 17.31 16.43
C ASP C 295 36.17 18.25 15.49
N LEU C 296 36.21 17.92 14.19
CA LEU C 296 36.83 18.81 13.22
C LEU C 296 36.09 20.14 13.14
N LEU C 297 34.76 20.11 13.18
CA LEU C 297 34.00 21.35 13.17
C LEU C 297 34.30 22.19 14.40
N ALA C 298 34.36 21.56 15.57
CA ALA C 298 34.67 22.30 16.80
C ALA C 298 36.05 22.94 16.72
N GLU C 299 37.05 22.18 16.27
CA GLU C 299 38.40 22.73 16.17
C GLU C 299 38.45 23.85 15.15
N LYS C 300 37.76 23.70 14.02
CA LYS C 300 37.78 24.74 12.99
C LYS C 300 37.13 26.02 13.48
N VAL C 301 35.95 25.93 14.10
CA VAL C 301 35.27 27.14 14.54
C VAL C 301 36.01 27.78 15.71
N LEU C 302 36.68 26.99 16.56
CA LEU C 302 37.47 27.59 17.63
C LEU C 302 38.77 28.17 17.10
N ALA C 303 39.23 27.70 15.94
CA ALA C 303 40.51 28.13 15.41
C ALA C 303 40.50 29.61 15.06
N GLY C 304 39.53 30.04 14.26
CA GLY C 304 39.34 31.44 13.95
C GLY C 304 39.75 31.88 12.56
N LYS C 305 40.70 31.19 11.93
CA LYS C 305 41.10 31.58 10.58
C LYS C 305 39.97 31.38 9.57
N SER C 306 39.23 30.27 9.68
CA SER C 306 38.16 29.99 8.73
C SER C 306 36.88 30.68 9.20
N LYS C 307 36.30 31.50 8.33
CA LYS C 307 35.08 32.23 8.65
C LYS C 307 33.87 31.49 8.08
N ILE C 308 32.88 31.26 8.92
CA ILE C 308 31.68 30.54 8.49
C ILE C 308 30.67 31.46 7.81
N GLU C 309 30.76 32.77 8.03
CA GLU C 309 29.76 33.70 7.53
C GLU C 309 29.99 34.15 6.09
N ASP C 310 31.16 33.85 5.51
CA ASP C 310 31.42 34.26 4.14
C ASP C 310 30.93 33.24 3.12
N TYR C 311 30.92 31.95 3.47
CA TYR C 311 30.27 30.97 2.60
C TYR C 311 28.75 31.06 2.71
N PHE C 312 28.24 31.53 3.84
CA PHE C 312 26.81 31.71 4.05
C PHE C 312 26.61 33.01 4.80
N PRO C 313 26.26 34.10 4.11
CA PRO C 313 26.02 35.37 4.81
C PRO C 313 24.85 35.32 5.77
N GLU C 314 23.93 34.35 5.62
CA GLU C 314 22.81 34.24 6.54
C GLU C 314 23.25 33.94 7.96
N PHE C 315 24.44 33.37 8.15
CA PHE C 315 24.92 33.08 9.49
C PHE C 315 25.22 34.34 10.28
N ALA C 316 25.47 35.46 9.60
CA ALA C 316 25.82 36.68 10.31
C ALA C 316 24.68 37.20 11.17
N ARG C 317 23.45 37.14 10.66
CA ARG C 317 22.24 37.53 11.40
C ARG C 317 21.55 36.34 12.03
N TYR C 318 22.29 35.34 12.51
CA TYR C 318 21.72 34.11 13.03
C TYR C 318 21.86 34.07 14.56
N THR C 319 20.87 33.47 15.21
CA THR C 319 20.89 33.27 16.65
C THR C 319 20.61 31.81 16.97
N THR C 320 21.04 31.39 18.14
CA THR C 320 20.91 29.98 18.53
C THR C 320 19.44 29.59 18.57
N PRO C 321 19.06 28.44 18.03
CA PRO C 321 17.63 28.06 18.04
C PRO C 321 17.05 27.90 19.42
N GLU C 322 17.88 27.67 20.44
CA GLU C 322 17.53 27.61 21.86
C GLU C 322 16.46 26.56 22.16
N ASP C 323 16.00 25.83 21.15
CA ASP C 323 15.10 24.71 21.39
C ASP C 323 15.84 23.51 21.95
N ALA C 324 17.13 23.38 21.64
CA ALA C 324 17.97 22.32 22.17
C ALA C 324 19.22 22.93 22.76
N THR C 325 19.85 22.20 23.68
CA THR C 325 20.99 22.73 24.39
C THR C 325 22.20 21.82 24.20
N PRO C 326 23.41 22.38 24.20
CA PRO C 326 24.62 21.57 24.14
C PRO C 326 24.98 21.02 25.52
N GLU C 327 24.81 19.71 25.69
CA GLU C 327 25.14 19.09 26.97
C GLU C 327 26.61 19.22 27.34
N PRO C 328 27.58 18.90 26.47
CA PRO C 328 28.97 19.07 26.85
C PRO C 328 29.34 20.54 27.01
N GLY C 329 30.30 20.80 27.90
CA GLY C 329 30.76 22.15 28.13
C GLY C 329 31.51 22.72 26.95
N GLU C 330 30.91 23.69 26.26
CA GLU C 330 31.53 24.31 25.10
C GLU C 330 31.00 25.72 24.95
N ASP C 331 31.82 26.57 24.34
CA ASP C 331 31.44 27.96 24.15
C ASP C 331 30.31 28.06 23.13
N PRO C 332 29.53 29.15 23.17
CA PRO C 332 28.36 29.23 22.29
C PRO C 332 28.69 29.25 20.80
N ARG C 333 29.92 29.55 20.41
CA ARG C 333 30.24 29.68 18.99
C ARG C 333 30.12 28.35 18.26
N VAL C 334 30.71 27.29 18.83
CA VAL C 334 30.65 25.99 18.19
C VAL C 334 29.22 25.48 18.15
N THR C 335 28.47 25.68 19.22
CA THR C 335 27.07 25.29 19.24
C THR C 335 26.28 26.03 18.18
N ARG C 336 26.54 27.34 18.03
CA ARG C 336 25.83 28.14 17.04
C ARG C 336 26.11 27.65 15.63
N ALA C 337 27.38 27.40 15.30
CA ALA C 337 27.70 26.91 13.97
C ALA C 337 27.11 25.52 13.73
N LYS C 338 27.23 24.63 14.71
CA LYS C 338 26.74 23.26 14.55
C LYS C 338 25.23 23.24 14.39
N TYR C 339 24.51 24.15 15.04
CA TYR C 339 23.08 24.19 14.87
C TYR C 339 22.66 24.98 13.64
N PHE C 340 23.52 25.89 13.16
CA PHE C 340 23.20 26.65 11.96
C PHE C 340 23.27 25.77 10.72
N ILE C 341 24.28 24.90 10.65
CA ILE C 341 24.33 23.95 9.53
C ILE C 341 23.11 23.04 9.54
N ARG C 342 22.76 22.53 10.72
CA ARG C 342 21.57 21.71 10.86
C ARG C 342 20.31 22.48 10.48
N ASP C 343 20.28 23.78 10.79
CA ASP C 343 19.14 24.60 10.42
C ASP C 343 19.02 24.74 8.91
N GLU C 344 20.16 24.93 8.22
CA GLU C 344 20.14 24.95 6.76
C GLU C 344 19.55 23.66 6.21
N PHE C 345 20.05 22.53 6.69
CA PHE C 345 19.56 21.25 6.20
C PHE C 345 18.08 21.07 6.49
N LEU C 346 17.65 21.43 7.69
CA LEU C 346 16.25 21.24 8.08
C LEU C 346 15.33 22.20 7.33
N ARG C 347 15.81 23.40 7.01
CA ARG C 347 15.00 24.31 6.21
C ARG C 347 14.82 23.79 4.79
N ILE C 348 15.88 23.27 4.19
CA ILE C 348 15.74 22.63 2.88
C ILE C 348 14.79 21.44 2.98
N SER C 349 14.84 20.72 4.10
CA SER C 349 13.98 19.56 4.27
C SER C 349 12.51 19.95 4.39
N THR C 350 12.21 20.95 5.21
CA THR C 350 10.83 21.32 5.51
C THR C 350 10.25 22.31 4.52
N ALA C 351 11.05 22.80 3.56
CA ALA C 351 10.49 23.66 2.52
C ALA C 351 9.42 22.91 1.72
N SER C 352 9.65 21.64 1.45
CA SER C 352 8.68 20.78 0.79
C SER C 352 8.59 19.46 1.57
N GLY C 353 7.89 18.49 0.99
CA GLY C 353 7.82 17.17 1.58
C GLY C 353 7.21 17.13 2.96
N ASP C 354 5.91 17.40 3.06
CA ASP C 354 5.22 17.44 4.34
C ASP C 354 4.36 16.20 4.50
N GLY C 355 4.48 15.55 5.64
CA GLY C 355 3.64 14.40 5.98
C GLY C 355 4.17 13.04 5.61
N ARG C 356 4.53 12.83 4.34
CA ARG C 356 4.95 11.51 3.88
C ARG C 356 6.28 11.09 4.51
N HIS C 357 7.28 11.96 4.45
CA HIS C 357 8.60 11.61 4.95
C HIS C 357 9.16 12.76 5.76
N TYR C 358 10.12 12.43 6.63
CA TYR C 358 10.78 13.41 7.48
C TYR C 358 12.29 13.18 7.41
N CYS C 359 13.03 14.02 8.13
CA CYS C 359 14.47 13.87 8.26
C CYS C 359 14.83 13.90 9.74
N TYR C 360 15.74 13.01 10.12
CA TYR C 360 16.17 12.89 11.52
C TYR C 360 17.64 13.28 11.61
N PRO C 361 17.96 14.48 12.11
CA PRO C 361 19.37 14.87 12.20
C PRO C 361 20.05 14.43 13.49
N HIS C 362 21.28 13.95 13.37
CA HIS C 362 22.12 13.60 14.51
C HIS C 362 23.53 14.12 14.26
N PHE C 363 24.15 14.67 15.31
CA PHE C 363 25.53 15.12 15.25
C PHE C 363 26.44 13.95 15.59
N THR C 364 27.27 13.54 14.65
CA THR C 364 28.16 12.40 14.86
C THR C 364 29.63 12.82 14.83
N GLU C 370 25.99 4.81 20.30
CA GLU C 370 26.66 4.83 19.01
C GLU C 370 25.64 4.97 17.89
N ASN C 371 26.13 4.90 16.64
CA ASN C 371 25.27 5.17 15.49
C ASN C 371 24.30 4.02 15.22
N ILE C 372 24.62 2.80 15.64
CA ILE C 372 23.70 1.68 15.43
C ILE C 372 22.40 1.92 16.18
N ARG C 373 22.48 2.36 17.44
CA ARG C 373 21.29 2.63 18.21
C ARG C 373 20.50 3.79 17.61
N ARG C 374 21.19 4.81 17.11
CA ARG C 374 20.51 5.93 16.47
C ARG C 374 19.73 5.48 15.24
N VAL C 375 20.36 4.67 14.39
CA VAL C 375 19.68 4.15 13.21
C VAL C 375 18.49 3.28 13.62
N PHE C 376 18.67 2.44 14.65
CA PHE C 376 17.59 1.60 15.10
C PHE C 376 16.40 2.42 15.61
N ASN C 377 16.68 3.44 16.41
CA ASN C 377 15.60 4.27 16.95
C ASN C 377 14.87 5.02 15.85
N ASP C 378 15.61 5.57 14.88
CA ASP C 378 14.96 6.30 13.81
C ASP C 378 14.16 5.37 12.90
N CYS C 379 14.65 4.16 12.65
CA CYS C 379 13.86 3.20 11.89
C CYS C 379 12.60 2.79 12.64
N ARG C 380 12.70 2.61 13.96
CA ARG C 380 11.52 2.32 14.77
C ARG C 380 10.50 3.44 14.66
N ASP C 381 10.96 4.69 14.74
CA ASP C 381 10.05 5.83 14.59
C ASP C 381 9.42 5.84 13.21
N ILE C 382 10.20 5.54 12.16
CA ILE C 382 9.66 5.55 10.80
C ILE C 382 8.57 4.49 10.65
N ILE C 383 8.84 3.28 11.14
CA ILE C 383 7.87 2.20 11.01
C ILE C 383 6.60 2.51 11.80
N GLN C 384 6.76 3.04 13.02
CA GLN C 384 5.59 3.39 13.81
C GLN C 384 4.77 4.48 13.14
N ARG C 385 5.44 5.49 12.56
CA ARG C 385 4.73 6.55 11.86
C ARG C 385 3.97 6.01 10.66
N MET C 386 4.60 5.12 9.89
CA MET C 386 3.90 4.54 8.74
C MET C 386 2.69 3.72 9.18
N HIS C 387 2.85 2.91 10.23
CA HIS C 387 1.74 2.10 10.70
C HIS C 387 0.60 2.97 11.21
N LEU C 388 0.91 4.03 11.95
CA LEU C 388 -0.13 4.93 12.41
C LEU C 388 -0.79 5.66 11.25
N ARG C 389 -0.04 5.97 10.19
CA ARG C 389 -0.63 6.58 9.01
C ARG C 389 -1.62 5.63 8.35
N GLN C 390 -1.28 4.34 8.30
CA GLN C 390 -2.19 3.36 7.70
C GLN C 390 -3.51 3.26 8.46
N TYR C 391 -3.55 3.67 9.72
CA TYR C 391 -4.77 3.62 10.53
C TYR C 391 -5.44 4.99 10.63
N GLU C 392 -4.98 5.98 9.86
CA GLU C 392 -5.49 7.34 9.93
C GLU C 392 -5.47 7.88 11.36
N LEU C 393 -4.42 7.52 12.10
CA LEU C 393 -4.17 8.09 13.41
C LEU C 393 -3.14 9.20 13.38
N LEU C 394 -2.64 9.56 12.19
CA LEU C 394 -1.63 10.60 12.07
C LEU C 394 -1.65 11.21 10.67
N ALA D 5 -36.79 -20.39 44.09
CA ALA D 5 -37.94 -19.48 44.17
C ALA D 5 -38.32 -18.98 42.79
N THR D 6 -38.07 -19.80 41.78
CA THR D 6 -38.39 -19.42 40.40
C THR D 6 -39.91 -19.36 40.20
N VAL D 7 -40.35 -18.33 39.47
CA VAL D 7 -41.76 -18.15 39.14
C VAL D 7 -41.88 -17.99 37.63
N SER D 8 -42.80 -18.74 37.04
CA SER D 8 -42.99 -18.71 35.59
C SER D 8 -44.42 -19.16 35.29
N LEU D 9 -44.83 -18.92 34.04
CA LEU D 9 -46.20 -19.27 33.64
C LEU D 9 -46.42 -20.78 33.74
N TRP D 10 -45.47 -21.58 33.28
CA TRP D 10 -45.63 -23.03 33.34
C TRP D 10 -45.71 -23.51 34.77
N GLU D 11 -44.89 -22.95 35.66
CA GLU D 11 -44.97 -23.31 37.07
C GLU D 11 -46.34 -22.98 37.64
N THR D 12 -46.86 -21.79 37.33
CA THR D 12 -48.16 -21.40 37.83
C THR D 12 -49.26 -22.32 37.30
N VAL D 13 -49.14 -22.75 36.04
CA VAL D 13 -50.09 -23.70 35.48
C VAL D 13 -50.02 -25.01 36.25
N GLN D 14 -48.81 -25.45 36.60
CA GLN D 14 -48.67 -26.68 37.37
C GLN D 14 -49.33 -26.56 38.74
N LYS D 15 -49.10 -25.45 39.43
CA LYS D 15 -49.75 -25.27 40.74
C LYS D 15 -51.27 -25.19 40.59
N TRP D 16 -51.75 -24.56 39.52
CA TRP D 16 -53.20 -24.52 39.31
C TRP D 16 -53.77 -25.92 39.08
N ARG D 17 -53.05 -26.74 38.31
CA ARG D 17 -53.49 -28.12 38.10
C ARG D 17 -53.52 -28.88 39.42
N GLU D 18 -52.49 -28.71 40.23
CA GLU D 18 -52.47 -29.37 41.54
C GLU D 18 -53.63 -28.90 42.41
N TYR D 19 -53.91 -27.60 42.41
CA TYR D 19 -55.01 -27.07 43.20
C TYR D 19 -56.35 -27.60 42.70
N ARG D 20 -56.53 -27.67 41.38
CA ARG D 20 -57.78 -28.18 40.83
C ARG D 20 -57.99 -29.64 41.20
N ARG D 21 -56.93 -30.45 41.12
CA ARG D 21 -57.07 -31.86 41.47
C ARG D 21 -57.28 -32.05 42.96
N GLN D 22 -56.62 -31.24 43.80
CA GLN D 22 -56.91 -31.27 45.23
C GLN D 22 -58.36 -30.92 45.50
N CYS D 23 -58.87 -29.87 44.86
CA CYS D 23 -60.24 -29.43 45.11
C CYS D 23 -61.25 -30.48 44.68
N GLN D 24 -61.07 -31.06 43.49
CA GLN D 24 -62.00 -32.08 43.04
C GLN D 24 -61.93 -33.34 43.91
N ARG D 25 -60.72 -33.73 44.33
CA ARG D 25 -60.59 -34.89 45.20
C ARG D 25 -61.29 -34.65 46.55
N SER D 26 -61.10 -33.45 47.11
CA SER D 26 -61.76 -33.12 48.37
C SER D 26 -63.27 -33.08 48.21
N LEU D 27 -63.76 -32.51 47.11
CA LEU D 27 -65.21 -32.41 46.90
C LEU D 27 -65.84 -33.78 46.72
N THR D 28 -65.21 -34.66 45.95
CA THR D 28 -65.76 -35.98 45.69
C THR D 28 -65.42 -37.01 46.76
N GLU D 29 -64.55 -36.68 47.71
CA GLU D 29 -64.13 -37.65 48.71
C GLU D 29 -65.12 -37.78 49.86
N ASP D 30 -65.96 -36.78 50.10
CA ASP D 30 -66.92 -36.81 51.19
C ASP D 30 -68.25 -36.26 50.73
N PRO D 31 -69.35 -36.75 51.28
CA PRO D 31 -70.66 -36.16 50.99
C PRO D 31 -70.94 -35.00 51.91
N PRO D 32 -71.17 -33.80 51.36
CA PRO D 32 -71.44 -32.63 52.20
C PRO D 32 -72.92 -32.27 52.27
N PRO D 33 -73.89 -33.13 51.74
CA PRO D 33 -75.21 -32.60 51.39
C PRO D 33 -76.11 -32.35 52.60
N ALA D 34 -75.58 -31.65 53.60
CA ALA D 34 -76.37 -31.31 54.78
C ALA D 34 -77.40 -30.23 54.49
N THR D 35 -77.32 -29.56 53.35
CA THR D 35 -78.26 -28.52 52.99
C THR D 35 -79.56 -29.12 52.46
N ASP D 36 -80.55 -28.26 52.25
CA ASP D 36 -81.86 -28.65 51.71
C ASP D 36 -82.19 -27.68 50.58
N LEU D 37 -81.80 -28.05 49.36
CA LEU D 37 -82.00 -27.22 48.17
C LEU D 37 -81.33 -25.86 48.30
N PHE D 38 -80.27 -25.78 49.10
CA PHE D 38 -79.52 -24.56 49.29
C PHE D 38 -78.37 -24.51 48.28
N CYS D 39 -77.42 -23.59 48.50
CA CYS D 39 -76.28 -23.46 47.61
C CYS D 39 -75.52 -24.78 47.52
N ASN D 40 -75.22 -25.20 46.29
CA ASN D 40 -74.58 -26.48 46.04
C ASN D 40 -73.10 -26.27 45.77
N ARG D 41 -72.26 -27.10 46.39
CA ARG D 41 -70.82 -26.99 46.22
C ARG D 41 -70.42 -27.24 44.77
N THR D 42 -69.56 -26.38 44.25
CA THR D 42 -69.08 -26.49 42.87
C THR D 42 -67.70 -25.87 42.78
N PHE D 43 -66.98 -26.22 41.73
CA PHE D 43 -65.63 -25.72 41.49
C PHE D 43 -65.67 -24.71 40.35
N ASP D 44 -65.61 -23.43 40.70
CA ASP D 44 -65.39 -22.40 39.70
C ASP D 44 -63.93 -22.46 39.27
N GLU D 45 -63.66 -21.93 38.06
CA GLU D 45 -62.30 -22.00 37.53
C GLU D 45 -61.31 -21.30 38.45
N TYR D 46 -61.75 -20.27 39.16
CA TYR D 46 -60.89 -19.60 40.12
C TYR D 46 -60.70 -20.44 41.38
N ALA D 47 -61.79 -20.70 42.09
CA ALA D 47 -61.74 -21.47 43.33
C ALA D 47 -63.10 -22.11 43.56
N CYS D 48 -63.12 -23.11 44.44
CA CYS D 48 -64.33 -23.85 44.74
C CYS D 48 -64.87 -23.40 46.10
N TRP D 49 -66.13 -22.97 46.13
CA TRP D 49 -66.79 -22.62 47.38
C TRP D 49 -67.70 -23.77 47.77
N PRO D 50 -67.48 -24.42 48.90
CA PRO D 50 -68.28 -25.59 49.28
C PRO D 50 -69.64 -25.17 49.83
N ASP D 51 -70.41 -26.16 50.25
CA ASP D 51 -71.74 -25.91 50.79
C ASP D 51 -71.65 -25.12 52.09
N GLY D 52 -72.51 -24.11 52.22
CA GLY D 52 -72.53 -23.29 53.42
C GLY D 52 -73.89 -23.19 54.06
N GLU D 53 -74.35 -21.97 54.31
CA GLU D 53 -75.66 -21.74 54.90
C GLU D 53 -76.45 -20.76 54.04
N PRO D 54 -77.73 -21.02 53.82
CA PRO D 54 -78.54 -20.09 53.02
C PRO D 54 -78.66 -18.75 53.72
N GLY D 55 -78.66 -17.68 52.92
CA GLY D 55 -78.77 -16.34 53.46
C GLY D 55 -77.62 -15.95 54.36
N SER D 56 -76.41 -16.38 54.02
CA SER D 56 -75.23 -16.13 54.83
C SER D 56 -74.09 -15.65 53.94
N PHE D 57 -73.18 -14.89 54.55
CA PHE D 57 -72.00 -14.37 53.83
C PHE D 57 -70.87 -15.39 53.94
N VAL D 58 -70.98 -16.44 53.12
CA VAL D 58 -69.97 -17.49 53.11
C VAL D 58 -68.66 -16.95 52.54
N ASN D 59 -67.57 -17.24 53.24
CA ASN D 59 -66.25 -16.75 52.89
C ASN D 59 -65.31 -17.92 52.66
N VAL D 60 -64.57 -17.88 51.55
CA VAL D 60 -63.60 -18.91 51.21
C VAL D 60 -62.26 -18.24 50.94
N SER D 61 -61.20 -18.76 51.54
CA SER D 61 -59.87 -18.20 51.31
C SER D 61 -59.48 -18.29 49.85
N CYS D 62 -58.81 -17.25 49.36
CA CYS D 62 -58.38 -17.22 47.97
C CYS D 62 -57.32 -18.30 47.75
N PRO D 63 -57.20 -18.80 46.52
CA PRO D 63 -56.28 -19.91 46.26
C PRO D 63 -54.83 -19.55 46.56
N TRP D 64 -53.97 -20.57 46.51
CA TRP D 64 -52.57 -20.42 46.83
C TRP D 64 -51.66 -20.47 45.61
N TYR D 65 -52.21 -20.63 44.41
CA TYR D 65 -51.39 -20.69 43.20
C TYR D 65 -51.26 -19.33 42.51
N LEU D 66 -51.88 -18.28 43.05
CA LEU D 66 -51.71 -16.97 42.45
C LEU D 66 -50.27 -16.48 42.63
N PRO D 67 -49.76 -15.71 41.67
CA PRO D 67 -48.41 -15.14 41.83
C PRO D 67 -48.27 -14.26 43.06
N TRP D 68 -49.34 -13.56 43.44
CA TRP D 68 -49.33 -12.68 44.61
C TRP D 68 -50.01 -13.33 45.81
N ALA D 69 -49.97 -14.67 45.89
CA ALA D 69 -50.58 -15.34 47.03
C ALA D 69 -49.88 -14.97 48.34
N SER D 70 -48.56 -14.91 48.33
CA SER D 70 -47.82 -14.51 49.52
C SER D 70 -48.07 -13.05 49.86
N SER D 71 -48.27 -12.20 48.86
CA SER D 71 -48.52 -10.78 49.13
C SER D 71 -49.81 -10.57 49.89
N VAL D 72 -50.86 -11.32 49.53
CA VAL D 72 -52.15 -11.20 50.20
C VAL D 72 -52.58 -12.59 50.68
N PRO D 73 -52.08 -13.06 51.82
CA PRO D 73 -52.46 -14.39 52.30
C PRO D 73 -53.93 -14.48 52.69
N GLN D 74 -54.38 -13.58 53.55
CA GLN D 74 -55.76 -13.60 54.05
C GLN D 74 -56.69 -12.76 53.19
N GLY D 75 -56.70 -13.02 51.89
CA GLY D 75 -57.62 -12.35 50.99
C GLY D 75 -58.83 -13.18 50.67
N HIS D 76 -59.64 -13.49 51.68
CA HIS D 76 -60.79 -14.35 51.50
C HIS D 76 -61.85 -13.65 50.64
N VAL D 77 -62.48 -14.43 49.75
CA VAL D 77 -63.49 -13.93 48.83
C VAL D 77 -64.83 -14.51 49.24
N TYR D 78 -65.89 -13.71 49.09
CA TYR D 78 -67.22 -14.14 49.49
C TYR D 78 -67.97 -14.73 48.31
N ARG D 79 -69.06 -15.44 48.62
CA ARG D 79 -69.94 -15.98 47.59
C ARG D 79 -71.37 -15.49 47.82
N PHE D 80 -71.70 -15.15 49.07
CA PHE D 80 -73.00 -14.58 49.44
C PHE D 80 -74.15 -15.52 49.05
N CYS D 81 -74.15 -16.68 49.69
CA CYS D 81 -75.21 -17.65 49.46
C CYS D 81 -76.56 -17.06 49.84
N THR D 82 -77.54 -17.23 48.95
CA THR D 82 -78.87 -16.68 49.16
C THR D 82 -79.74 -17.61 49.99
N ALA D 83 -80.75 -17.03 50.63
CA ALA D 83 -81.65 -17.81 51.48
C ALA D 83 -82.47 -18.80 50.66
N GLU D 84 -82.92 -18.39 49.48
CA GLU D 84 -83.78 -19.26 48.67
C GLU D 84 -83.03 -20.50 48.18
N GLY D 85 -81.72 -20.39 47.96
CA GLY D 85 -80.94 -21.56 47.62
C GLY D 85 -79.93 -21.37 46.51
N LEU D 86 -80.23 -20.51 45.55
CA LEU D 86 -79.35 -20.30 44.40
C LEU D 86 -78.59 -18.99 44.55
N TRP D 87 -77.31 -19.03 44.22
CA TRP D 87 -76.48 -17.84 44.29
C TRP D 87 -77.01 -16.75 43.36
N LEU D 88 -76.99 -15.51 43.84
CA LEU D 88 -77.49 -14.40 43.04
C LEU D 88 -76.61 -14.19 41.81
N GLN D 89 -77.25 -13.91 40.69
CA GLN D 89 -76.55 -13.72 39.43
C GLN D 89 -76.21 -12.24 39.23
N LYS D 90 -75.38 -11.98 38.22
CA LYS D 90 -74.98 -10.62 37.89
C LYS D 90 -76.11 -9.93 37.11
N ASP D 91 -75.84 -8.70 36.69
CA ASP D 91 -76.83 -7.91 35.96
C ASP D 91 -76.92 -8.44 34.52
N ASN D 92 -78.07 -9.03 34.19
CA ASN D 92 -78.34 -9.57 32.85
C ASN D 92 -77.27 -10.57 32.43
N SER D 93 -76.85 -11.42 33.37
CA SER D 93 -75.84 -12.43 33.07
C SER D 93 -76.00 -13.58 34.05
N SER D 94 -75.45 -14.73 33.67
CA SER D 94 -75.50 -15.95 34.48
C SER D 94 -74.12 -16.13 35.12
N LEU D 95 -73.93 -15.51 36.27
CA LEU D 95 -72.65 -15.57 36.96
C LEU D 95 -72.89 -15.33 38.45
N PRO D 96 -72.62 -16.33 39.31
CA PRO D 96 -72.80 -16.12 40.74
C PRO D 96 -71.91 -15.00 41.27
N TRP D 97 -72.44 -14.22 42.19
CA TRP D 97 -71.74 -13.05 42.68
C TRP D 97 -70.47 -13.44 43.44
N ARG D 98 -69.41 -12.67 43.22
CA ARG D 98 -68.15 -12.88 43.92
C ARG D 98 -67.43 -11.54 44.01
N ASP D 99 -66.51 -11.45 44.98
CA ASP D 99 -65.80 -10.21 45.28
C ASP D 99 -64.34 -10.37 44.84
N LEU D 100 -63.99 -9.74 43.73
CA LEU D 100 -62.61 -9.74 43.23
C LEU D 100 -61.87 -8.50 43.70
N SER D 101 -61.75 -8.36 45.03
CA SER D 101 -61.10 -7.20 45.61
C SER D 101 -60.11 -7.52 46.72
N GLU D 102 -60.07 -8.76 47.21
CA GLU D 102 -59.18 -9.12 48.31
C GLU D 102 -57.85 -9.67 47.80
N CYS D 103 -57.89 -10.78 47.07
CA CYS D 103 -56.69 -11.38 46.49
C CYS D 103 -56.57 -10.92 45.05
N GLU D 104 -56.25 -9.63 44.92
CA GLU D 104 -56.02 -9.06 43.57
C GLU D 104 -54.69 -8.31 43.53
N GLU D 105 -54.16 -8.07 42.34
CA GLU D 105 -52.91 -7.33 42.13
C GLU D 105 -53.22 -5.89 41.80
N SER D 106 -52.56 -4.96 42.49
CA SER D 106 -52.75 -3.54 42.27
C SER D 106 -51.53 -2.74 42.68
N SER D 113 -44.01 3.42 32.20
CA SER D 113 -44.11 1.95 32.29
C SER D 113 -42.80 1.31 31.83
N PRO D 114 -42.25 0.31 32.55
CA PRO D 114 -41.04 -0.37 32.11
C PRO D 114 -41.29 -0.84 30.66
N GLU D 115 -42.46 -1.42 30.41
CA GLU D 115 -42.82 -1.84 29.03
C GLU D 115 -42.38 -0.76 28.04
N GLU D 116 -42.86 0.47 28.20
CA GLU D 116 -42.54 1.55 27.24
C GLU D 116 -41.02 1.64 27.07
N GLN D 117 -40.31 1.89 28.15
CA GLN D 117 -38.84 2.06 28.07
C GLN D 117 -38.25 0.93 27.23
N LEU D 118 -38.60 -0.31 27.57
CA LEU D 118 -38.01 -1.47 26.85
C LEU D 118 -38.32 -1.34 25.36
N LEU D 119 -39.55 -0.98 25.02
CA LEU D 119 -39.94 -0.86 23.58
C LEU D 119 -39.10 0.23 22.91
N PHE D 120 -38.93 1.38 23.57
CA PHE D 120 -38.10 2.47 23.00
C PHE D 120 -36.67 1.95 22.80
N LEU D 121 -36.11 1.27 23.81
CA LEU D 121 -34.78 0.69 23.63
C LEU D 121 -34.76 -0.31 22.49
N TYR D 122 -35.79 -1.14 22.40
CA TYR D 122 -35.87 -2.14 21.33
C TYR D 122 -35.86 -1.47 19.97
N ILE D 123 -36.69 -0.45 19.77
CA ILE D 123 -36.73 0.20 18.47
C ILE D 123 -35.42 0.94 18.17
N ILE D 124 -34.81 1.59 19.15
CA ILE D 124 -33.57 2.31 18.89
C ILE D 124 -32.46 1.33 18.50
N TYR D 125 -32.30 0.24 19.25
CA TYR D 125 -31.19 -0.65 18.92
C TYR D 125 -31.49 -1.49 17.70
N THR D 126 -32.76 -1.77 17.38
CA THR D 126 -33.03 -2.47 16.14
C THR D 126 -32.80 -1.58 14.93
N VAL D 127 -33.10 -0.28 15.03
CA VAL D 127 -32.73 0.63 13.95
C VAL D 127 -31.22 0.69 13.79
N GLY D 128 -30.50 0.80 14.92
CA GLY D 128 -29.05 0.83 14.84
C GLY D 128 -28.46 -0.44 14.25
N TYR D 129 -28.97 -1.59 14.67
CA TYR D 129 -28.46 -2.86 14.15
C TYR D 129 -28.79 -3.03 12.68
N ALA D 130 -29.97 -2.60 12.26
CA ALA D 130 -30.31 -2.68 10.84
C ALA D 130 -29.37 -1.81 10.01
N LEU D 131 -29.11 -0.58 10.46
CA LEU D 131 -28.19 0.29 9.73
C LEU D 131 -26.78 -0.29 9.72
N SER D 132 -26.33 -0.83 10.86
CA SER D 132 -25.00 -1.40 10.93
C SER D 132 -24.87 -2.62 10.01
N PHE D 133 -25.89 -3.48 10.01
CA PHE D 133 -25.88 -4.64 9.12
C PHE D 133 -25.83 -4.21 7.66
N SER D 134 -26.64 -3.21 7.29
CA SER D 134 -26.63 -2.74 5.92
C SER D 134 -25.28 -2.17 5.53
N ALA D 135 -24.67 -1.38 6.41
CA ALA D 135 -23.37 -0.81 6.10
C ALA D 135 -22.29 -1.87 6.01
N LEU D 136 -22.31 -2.85 6.91
CA LEU D 136 -21.23 -3.83 6.97
C LEU D 136 -21.33 -4.85 5.85
N VAL D 137 -22.55 -5.19 5.41
CA VAL D 137 -22.68 -6.17 4.34
C VAL D 137 -22.10 -5.62 3.04
N ILE D 138 -22.02 -4.30 2.90
CA ILE D 138 -21.37 -3.72 1.73
C ILE D 138 -19.91 -3.35 2.01
N ALA D 139 -19.56 -3.05 3.27
CA ALA D 139 -18.17 -2.82 3.61
C ALA D 139 -17.34 -4.08 3.38
N SER D 140 -17.86 -5.24 3.77
CA SER D 140 -17.18 -6.50 3.51
C SER D 140 -17.03 -6.75 2.02
N ALA D 141 -18.07 -6.43 1.24
CA ALA D 141 -17.98 -6.60 -0.21
C ALA D 141 -16.91 -5.70 -0.80
N ILE D 142 -16.83 -4.46 -0.34
CA ILE D 142 -15.79 -3.54 -0.82
C ILE D 142 -14.41 -4.07 -0.45
N LEU D 143 -14.25 -4.54 0.78
CA LEU D 143 -12.93 -5.03 1.22
C LEU D 143 -12.51 -6.28 0.46
N LEU D 144 -13.45 -7.19 0.21
CA LEU D 144 -13.10 -8.43 -0.49
C LEU D 144 -12.92 -8.23 -1.97
N GLY D 145 -13.68 -7.31 -2.58
CA GLY D 145 -13.64 -7.17 -4.03
C GLY D 145 -12.30 -6.69 -4.55
N PHE D 146 -11.72 -5.68 -3.91
CA PHE D 146 -10.46 -5.11 -4.34
C PHE D 146 -9.32 -5.98 -3.85
N ARG D 147 -8.51 -6.50 -4.79
CA ARG D 147 -7.38 -7.34 -4.41
C ARG D 147 -6.18 -6.54 -3.94
N HIS D 148 -6.16 -5.23 -4.19
CA HIS D 148 -5.03 -4.41 -3.75
C HIS D 148 -4.96 -4.35 -2.23
N LEU D 149 -6.09 -4.20 -1.57
CA LEU D 149 -6.14 -4.08 -0.11
C LEU D 149 -6.40 -5.42 0.57
N HIS D 150 -5.54 -6.41 0.31
CA HIS D 150 -5.67 -7.75 0.89
C HIS D 150 -4.57 -8.03 1.91
N CYS D 151 -4.19 -7.02 2.67
CA CYS D 151 -3.21 -7.21 3.74
C CYS D 151 -3.86 -7.96 4.90
N THR D 152 -3.03 -8.36 5.85
CA THR D 152 -3.54 -9.03 7.05
C THR D 152 -4.40 -8.09 7.89
N ARG D 153 -4.09 -6.79 7.90
CA ARG D 153 -4.93 -5.85 8.61
C ARG D 153 -6.34 -5.84 8.05
N ASN D 154 -6.48 -5.87 6.73
CA ASN D 154 -7.81 -5.93 6.14
C ASN D 154 -8.47 -7.27 6.39
N TYR D 155 -7.69 -8.34 6.55
CA TYR D 155 -8.28 -9.63 6.93
C TYR D 155 -8.88 -9.57 8.33
N ILE D 156 -8.17 -8.95 9.27
CA ILE D 156 -8.72 -8.78 10.60
C ILE D 156 -9.93 -7.85 10.56
N HIS D 157 -9.90 -6.83 9.72
CA HIS D 157 -11.06 -5.97 9.54
C HIS D 157 -12.25 -6.77 9.05
N LEU D 158 -12.02 -7.65 8.07
CA LEU D 158 -13.11 -8.46 7.52
C LEU D 158 -13.67 -9.40 8.57
N ASN D 159 -12.81 -10.01 9.37
CA ASN D 159 -13.29 -10.87 10.44
C ASN D 159 -14.12 -10.08 11.45
N LEU D 160 -13.68 -8.88 11.79
CA LEU D 160 -14.45 -8.03 12.70
C LEU D 160 -15.81 -7.68 12.10
N PHE D 161 -15.83 -7.38 10.80
CA PHE D 161 -17.10 -7.08 10.13
C PHE D 161 -18.03 -8.28 10.18
N ALA D 162 -17.50 -9.48 9.92
CA ALA D 162 -18.31 -10.69 9.98
C ALA D 162 -18.85 -10.92 11.39
N SER D 163 -18.03 -10.65 12.41
CA SER D 163 -18.49 -10.78 13.78
C SER D 163 -19.62 -9.82 14.09
N PHE D 164 -19.51 -8.57 13.61
CA PHE D 164 -20.58 -7.61 13.81
C PHE D 164 -21.86 -8.06 13.11
N ILE D 165 -21.73 -8.58 11.89
CA ILE D 165 -22.90 -9.06 11.15
C ILE D 165 -23.55 -10.22 11.87
N LEU D 166 -22.74 -11.14 12.39
CA LEU D 166 -23.27 -12.26 13.15
C LEU D 166 -23.99 -11.79 14.40
N ARG D 167 -23.44 -10.78 15.08
CA ARG D 167 -24.09 -10.26 16.27
C ARG D 167 -25.45 -9.65 15.94
N ALA D 168 -25.52 -8.88 14.85
CA ALA D 168 -26.80 -8.30 14.45
C ALA D 168 -27.81 -9.39 14.07
N LEU D 169 -27.37 -10.41 13.34
CA LEU D 169 -28.27 -11.49 12.96
C LEU D 169 -28.77 -12.24 14.19
N SER D 170 -27.88 -12.51 15.15
CA SER D 170 -28.29 -13.18 16.37
C SER D 170 -29.28 -12.34 17.16
N VAL D 171 -29.08 -11.01 17.18
CA VAL D 171 -30.03 -10.15 17.86
C VAL D 171 -31.42 -10.23 17.21
N PHE D 172 -31.46 -10.18 15.88
CA PHE D 172 -32.74 -10.29 15.19
C PHE D 172 -33.41 -11.63 15.48
N ILE D 173 -32.65 -12.72 15.42
CA ILE D 173 -33.23 -14.03 15.66
C ILE D 173 -33.72 -14.15 17.09
N LYS D 174 -32.98 -13.60 18.05
CA LYS D 174 -33.36 -13.76 19.44
C LYS D 174 -34.59 -12.91 19.79
N ASP D 175 -34.69 -11.70 19.25
CA ASP D 175 -35.89 -10.93 19.58
C ASP D 175 -37.07 -11.27 18.69
N ALA D 176 -36.87 -12.14 17.69
CA ALA D 176 -38.02 -12.82 17.10
C ALA D 176 -38.43 -14.05 17.91
N ALA D 177 -37.46 -14.81 18.41
CA ALA D 177 -37.76 -15.95 19.27
C ALA D 177 -38.44 -15.54 20.56
N LEU D 178 -38.16 -14.33 21.05
CA LEU D 178 -38.87 -13.83 22.22
C LEU D 178 -40.36 -13.66 21.92
N LYS D 179 -40.69 -13.14 20.74
CA LYS D 179 -42.08 -13.03 20.34
C LYS D 179 -42.73 -14.40 20.17
N TRP D 180 -41.98 -15.34 19.59
CA TRP D 180 -42.51 -16.71 19.45
C TRP D 180 -42.77 -17.34 20.81
N MET D 181 -41.88 -17.14 21.77
CA MET D 181 -41.94 -17.85 23.05
C MET D 181 -43.08 -17.36 23.92
N TYR D 182 -43.55 -16.13 23.74
CA TYR D 182 -44.63 -15.60 24.57
C TYR D 182 -45.83 -15.17 23.74
N SER D 183 -46.06 -15.84 22.60
CA SER D 183 -47.21 -15.53 21.78
C SER D 183 -48.49 -16.04 22.44
N THR D 184 -49.63 -15.56 21.93
CA THR D 184 -50.91 -15.95 22.50
C THR D 184 -51.16 -17.45 22.35
N ALA D 185 -50.82 -18.01 21.19
CA ALA D 185 -50.99 -19.44 20.99
C ALA D 185 -50.10 -20.24 21.93
N ALA D 186 -48.86 -19.80 22.12
CA ALA D 186 -47.94 -20.51 23.01
C ALA D 186 -48.44 -20.52 24.44
N GLN D 187 -48.91 -19.36 24.93
CA GLN D 187 -49.41 -19.33 26.30
C GLN D 187 -50.73 -20.08 26.44
N GLN D 188 -51.58 -20.09 25.40
CA GLN D 188 -52.76 -20.93 25.45
C GLN D 188 -52.38 -22.41 25.55
N HIS D 189 -51.37 -22.83 24.78
CA HIS D 189 -50.91 -24.21 24.86
C HIS D 189 -50.37 -24.52 26.25
N GLN D 190 -49.61 -23.59 26.84
CA GLN D 190 -49.12 -23.80 28.20
C GLN D 190 -50.27 -23.85 29.20
N TRP D 191 -51.35 -23.10 28.95
CA TRP D 191 -52.55 -23.24 29.77
C TRP D 191 -53.12 -24.64 29.66
N ASP D 192 -53.17 -25.19 28.44
CA ASP D 192 -53.57 -26.58 28.24
C ASP D 192 -52.45 -27.56 28.57
N GLY D 193 -51.24 -27.07 28.84
CA GLY D 193 -50.15 -27.93 29.27
C GLY D 193 -49.64 -28.92 28.25
N LEU D 194 -49.54 -28.50 26.99
CA LEU D 194 -49.01 -29.38 25.95
C LEU D 194 -48.58 -28.56 24.75
N LEU D 195 -47.60 -29.07 24.03
CA LEU D 195 -47.14 -28.51 22.75
C LEU D 195 -46.80 -27.03 22.87
N SER D 196 -45.79 -26.75 23.69
CA SER D 196 -45.30 -25.39 23.85
C SER D 196 -44.02 -25.20 23.04
N TYR D 197 -43.45 -24.00 23.13
CA TYR D 197 -42.21 -23.68 22.45
C TYR D 197 -41.02 -23.63 23.40
N GLN D 198 -41.25 -23.45 24.70
CA GLN D 198 -40.16 -23.38 25.66
C GLN D 198 -39.40 -24.70 25.73
N ASP D 199 -40.11 -25.82 25.66
CA ASP D 199 -39.48 -27.13 25.80
C ASP D 199 -38.64 -27.52 24.59
N SER D 200 -38.69 -26.76 23.50
CA SER D 200 -37.90 -27.08 22.32
C SER D 200 -36.42 -26.88 22.60
N LEU D 201 -35.58 -27.65 21.90
CA LEU D 201 -34.14 -27.50 22.02
C LEU D 201 -33.67 -26.26 21.26
N SER D 202 -34.29 -25.98 20.12
CA SER D 202 -33.92 -24.81 19.34
C SER D 202 -34.17 -23.52 20.10
N CYS D 203 -35.16 -23.50 20.98
CA CYS D 203 -35.46 -22.31 21.76
C CYS D 203 -34.32 -21.95 22.70
N ARG D 204 -33.48 -22.91 23.06
CA ARG D 204 -32.27 -22.62 23.81
C ARG D 204 -31.04 -22.48 22.92
N LEU D 205 -31.03 -23.21 21.79
CA LEU D 205 -29.91 -23.07 20.85
C LEU D 205 -29.81 -21.65 20.32
N VAL D 206 -30.94 -20.99 20.10
CA VAL D 206 -30.91 -19.63 19.56
C VAL D 206 -30.21 -18.69 20.52
N PHE D 207 -30.53 -18.78 21.81
CA PHE D 207 -29.93 -17.87 22.77
C PHE D 207 -28.48 -18.24 23.06
N LEU D 208 -28.14 -19.52 23.02
CA LEU D 208 -26.72 -19.89 23.10
C LEU D 208 -25.94 -19.30 21.94
N LEU D 209 -26.52 -19.35 20.74
CA LEU D 209 -25.86 -18.75 19.57
C LEU D 209 -25.73 -17.24 19.75
N MET D 210 -26.74 -16.59 20.33
CA MET D 210 -26.65 -15.16 20.59
C MET D 210 -25.49 -14.84 21.53
N GLN D 211 -25.36 -15.60 22.62
CA GLN D 211 -24.25 -15.38 23.54
C GLN D 211 -22.91 -15.60 22.84
N TYR D 212 -22.81 -16.66 22.03
CA TYR D 212 -21.56 -16.91 21.32
C TYR D 212 -21.23 -15.78 20.37
N CYS D 213 -22.22 -15.26 19.65
CA CYS D 213 -21.96 -14.17 18.71
C CYS D 213 -21.51 -12.91 19.43
N VAL D 214 -22.11 -12.59 20.58
CA VAL D 214 -21.67 -11.43 21.33
C VAL D 214 -20.22 -11.61 21.79
N ALA D 215 -19.90 -12.79 22.33
CA ALA D 215 -18.53 -13.03 22.78
C ALA D 215 -17.54 -12.96 21.63
N ALA D 216 -17.92 -13.48 20.46
CA ALA D 216 -17.05 -13.41 19.29
C ALA D 216 -16.82 -11.97 18.85
N ASN D 217 -17.85 -11.13 18.88
CA ASN D 217 -17.66 -9.72 18.54
C ASN D 217 -16.69 -9.06 19.50
N TYR D 218 -16.86 -9.29 20.79
CA TYR D 218 -15.94 -8.66 21.75
C TYR D 218 -14.51 -9.17 21.59
N TYR D 219 -14.32 -10.46 21.36
CA TYR D 219 -12.98 -10.98 21.22
C TYR D 219 -12.35 -10.62 19.88
N TRP D 220 -13.13 -10.33 18.85
CA TRP D 220 -12.54 -9.77 17.64
C TRP D 220 -12.16 -8.30 17.80
N LEU D 221 -12.90 -7.54 18.60
CA LEU D 221 -12.40 -6.23 19.00
C LEU D 221 -11.08 -6.35 19.75
N LEU D 222 -10.98 -7.32 20.66
CA LEU D 222 -9.72 -7.56 21.36
C LEU D 222 -8.60 -7.94 20.41
N VAL D 223 -8.90 -8.78 19.41
CA VAL D 223 -7.88 -9.17 18.44
C VAL D 223 -7.42 -7.96 17.65
N GLU D 224 -8.35 -7.10 17.24
CA GLU D 224 -7.97 -5.88 16.52
C GLU D 224 -7.03 -5.03 17.35
N GLY D 225 -7.38 -4.83 18.63
CA GLY D 225 -6.53 -4.03 19.50
C GLY D 225 -5.14 -4.63 19.68
N VAL D 226 -5.08 -5.94 19.93
CA VAL D 226 -3.78 -6.58 20.17
C VAL D 226 -2.94 -6.58 18.89
N TYR D 227 -3.57 -6.71 17.71
CA TYR D 227 -2.81 -6.64 16.47
C TYR D 227 -2.25 -5.25 16.25
N LEU D 228 -3.04 -4.21 16.50
CA LEU D 228 -2.52 -2.85 16.37
C LEU D 228 -1.37 -2.62 17.35
N TYR D 229 -1.51 -3.11 18.58
CA TYR D 229 -0.45 -2.94 19.56
C TYR D 229 0.83 -3.65 19.12
N THR D 230 0.71 -4.87 18.59
CA THR D 230 1.89 -5.58 18.11
C THR D 230 2.53 -4.86 16.94
N LEU D 231 1.71 -4.29 16.05
CA LEU D 231 2.26 -3.52 14.94
C LEU D 231 3.04 -2.32 15.43
N LEU D 232 2.54 -1.62 16.46
CA LEU D 232 3.23 -0.44 16.97
C LEU D 232 4.41 -0.80 17.85
N ALA D 233 4.17 -1.56 18.91
CA ALA D 233 5.20 -1.80 19.92
C ALA D 233 6.16 -2.90 19.50
N PHE D 234 5.65 -4.11 19.30
CA PHE D 234 6.50 -5.28 19.07
C PHE D 234 7.13 -5.23 17.69
N SER D 235 7.98 -6.22 17.42
CA SER D 235 8.65 -6.35 16.14
C SER D 235 7.72 -7.07 15.15
N VAL D 236 8.27 -7.47 14.02
CA VAL D 236 7.51 -8.14 12.98
C VAL D 236 7.59 -9.65 13.19
N LEU D 237 6.45 -10.32 13.20
CA LEU D 237 6.36 -11.75 13.40
C LEU D 237 5.89 -12.42 12.11
N SER D 238 5.85 -13.75 12.14
CA SER D 238 5.43 -14.52 10.97
C SER D 238 3.96 -14.26 10.68
N GLU D 239 3.65 -13.92 9.43
CA GLU D 239 2.28 -13.57 9.07
C GLU D 239 1.37 -14.79 9.09
N GLN D 240 1.80 -15.90 8.48
CA GLN D 240 0.95 -17.07 8.37
C GLN D 240 0.71 -17.77 9.70
N TRP D 241 1.52 -17.50 10.72
CA TRP D 241 1.31 -18.04 12.05
C TRP D 241 0.52 -17.09 12.93
N ILE D 242 0.84 -15.79 12.87
CA ILE D 242 0.12 -14.81 13.66
C ILE D 242 -1.33 -14.72 13.20
N PHE D 243 -1.59 -14.85 11.89
CA PHE D 243 -2.97 -14.77 11.43
C PHE D 243 -3.78 -15.97 11.90
N ARG D 244 -3.20 -17.17 11.85
CA ARG D 244 -3.91 -18.33 12.35
C ARG D 244 -4.16 -18.23 13.84
N LEU D 245 -3.17 -17.74 14.61
CA LEU D 245 -3.38 -17.55 16.04
C LEU D 245 -4.48 -16.53 16.30
N TYR D 246 -4.51 -15.45 15.51
CA TYR D 246 -5.54 -14.43 15.71
C TYR D 246 -6.92 -14.95 15.36
N VAL D 247 -7.04 -15.75 14.29
CA VAL D 247 -8.32 -16.35 13.97
C VAL D 247 -8.77 -17.29 15.08
N SER D 248 -7.84 -18.09 15.61
CA SER D 248 -8.16 -18.96 16.72
C SER D 248 -8.67 -18.17 17.92
N ILE D 249 -7.95 -17.11 18.30
CA ILE D 249 -8.35 -16.31 19.45
C ILE D 249 -9.71 -15.66 19.19
N GLY D 250 -9.94 -15.17 17.99
CA GLY D 250 -11.19 -14.48 17.70
C GLY D 250 -12.39 -15.40 17.72
N TRP D 251 -12.25 -16.62 17.22
CA TRP D 251 -13.40 -17.51 17.08
C TRP D 251 -13.46 -18.63 18.11
N GLY D 252 -12.41 -19.42 18.26
CA GLY D 252 -12.47 -20.56 19.15
C GLY D 252 -12.41 -20.20 20.61
N VAL D 253 -11.62 -19.18 20.96
CA VAL D 253 -11.51 -18.78 22.36
C VAL D 253 -12.86 -18.35 22.95
N PRO D 254 -13.68 -17.53 22.28
CA PRO D 254 -14.98 -17.19 22.88
C PRO D 254 -15.99 -18.32 22.75
N LEU D 255 -15.54 -19.55 23.01
CA LEU D 255 -16.46 -20.65 23.25
C LEU D 255 -16.01 -21.50 24.43
N LEU D 256 -14.76 -21.37 24.88
CA LEU D 256 -14.30 -22.04 26.08
C LEU D 256 -15.04 -21.59 27.33
N PHE D 257 -15.74 -20.47 27.27
CA PHE D 257 -16.66 -20.08 28.33
C PHE D 257 -18.11 -20.05 27.89
N VAL D 258 -18.39 -20.02 26.58
CA VAL D 258 -19.76 -20.11 26.12
C VAL D 258 -20.32 -21.52 26.34
N VAL D 259 -19.56 -22.53 25.94
CA VAL D 259 -20.02 -23.91 26.09
C VAL D 259 -20.21 -24.31 27.55
N PRO D 260 -19.27 -24.00 28.46
CA PRO D 260 -19.56 -24.27 29.88
C PRO D 260 -20.78 -23.54 30.40
N TRP D 261 -21.03 -22.32 29.91
CA TRP D 261 -22.25 -21.62 30.31
C TRP D 261 -23.48 -22.37 29.84
N GLY D 262 -23.47 -22.87 28.60
CA GLY D 262 -24.59 -23.66 28.12
C GLY D 262 -24.77 -24.94 28.91
N ILE D 263 -23.66 -25.60 29.26
CA ILE D 263 -23.74 -26.84 30.03
C ILE D 263 -24.35 -26.58 31.40
N VAL D 264 -23.88 -25.54 32.09
CA VAL D 264 -24.40 -25.26 33.43
C VAL D 264 -25.86 -24.79 33.35
N LYS D 265 -26.22 -24.03 32.31
CA LYS D 265 -27.61 -23.62 32.15
C LYS D 265 -28.51 -24.82 31.94
N TYR D 266 -28.10 -25.75 31.07
CA TYR D 266 -28.91 -26.93 30.81
C TYR D 266 -29.00 -27.83 32.05
N LEU D 267 -27.92 -27.93 32.81
CA LEU D 267 -27.89 -28.85 33.94
C LEU D 267 -28.68 -28.30 35.13
N TYR D 268 -28.58 -27.00 35.40
CA TYR D 268 -29.09 -26.45 36.65
C TYR D 268 -30.40 -25.69 36.48
N GLU D 269 -30.44 -24.69 35.61
CA GLU D 269 -31.65 -23.90 35.38
C GLU D 269 -32.00 -23.97 33.90
N ASP D 270 -32.76 -25.00 33.52
CA ASP D 270 -33.20 -25.18 32.15
C ASP D 270 -34.59 -24.60 31.91
N GLU D 271 -34.97 -23.56 32.66
CA GLU D 271 -36.29 -22.96 32.55
C GLU D 271 -36.21 -21.67 31.75
N GLY D 272 -37.20 -21.45 30.91
CA GLY D 272 -37.30 -20.22 30.16
C GLY D 272 -36.35 -20.09 28.99
N CYS D 273 -35.87 -21.21 28.44
CA CYS D 273 -35.02 -21.21 27.25
C CYS D 273 -33.71 -20.45 27.47
N TRP D 274 -33.19 -20.48 28.69
CA TRP D 274 -31.93 -19.81 29.04
C TRP D 274 -31.99 -18.32 28.72
N THR D 275 -33.15 -17.71 28.91
CA THR D 275 -33.32 -16.28 28.66
C THR D 275 -33.10 -15.44 29.90
N ARG D 276 -33.60 -15.89 31.04
CA ARG D 276 -33.54 -15.10 32.27
C ARG D 276 -32.33 -15.49 33.10
N ASN D 277 -31.50 -14.50 33.44
CA ASN D 277 -30.39 -14.71 34.34
C ASN D 277 -30.94 -14.79 35.76
N SER D 278 -31.40 -16.00 36.12
CA SER D 278 -32.04 -16.20 37.41
C SER D 278 -31.07 -15.93 38.56
N ASN D 279 -29.84 -16.43 38.46
CA ASN D 279 -28.79 -16.12 39.42
C ASN D 279 -27.60 -15.52 38.69
N MET D 280 -27.01 -14.49 39.29
CA MET D 280 -25.97 -13.73 38.61
C MET D 280 -24.67 -14.51 38.46
N ASN D 281 -24.44 -15.52 39.31
CA ASN D 281 -23.19 -16.26 39.24
C ASN D 281 -23.05 -16.98 37.90
N TYR D 282 -24.13 -17.60 37.41
CA TYR D 282 -24.06 -18.31 36.15
C TYR D 282 -23.85 -17.37 34.97
N TRP D 283 -24.40 -16.16 35.05
CA TRP D 283 -24.14 -15.18 34.01
C TRP D 283 -22.74 -14.60 34.08
N LEU D 284 -22.13 -14.57 35.27
CA LEU D 284 -20.75 -14.13 35.38
C LEU D 284 -19.82 -14.97 34.52
N ILE D 285 -20.16 -16.24 34.31
CA ILE D 285 -19.31 -17.13 33.51
C ILE D 285 -19.08 -16.54 32.12
N ILE D 286 -20.12 -15.98 31.52
CA ILE D 286 -20.00 -15.39 30.20
C ILE D 286 -19.70 -13.90 30.25
N ARG D 287 -20.00 -13.23 31.37
CA ARG D 287 -19.76 -11.80 31.45
C ARG D 287 -18.31 -11.44 31.78
N LEU D 288 -17.63 -12.24 32.59
CA LEU D 288 -16.28 -11.88 33.03
C LEU D 288 -15.27 -11.82 31.89
N PRO D 289 -15.17 -12.81 31.00
CA PRO D 289 -14.22 -12.68 29.88
C PRO D 289 -14.49 -11.48 29.00
N ILE D 290 -15.76 -11.08 28.85
CA ILE D 290 -16.07 -9.87 28.11
C ILE D 290 -15.43 -8.66 28.78
N LEU D 291 -15.55 -8.57 30.11
CA LEU D 291 -14.93 -7.47 30.83
C LEU D 291 -13.41 -7.50 30.71
N PHE D 292 -12.83 -8.70 30.75
CA PHE D 292 -11.38 -8.82 30.57
C PHE D 292 -10.95 -8.30 29.21
N ALA D 293 -11.67 -8.68 28.15
CA ALA D 293 -11.35 -8.20 26.81
C ALA D 293 -11.51 -6.69 26.72
N ILE D 294 -12.56 -6.15 27.32
CA ILE D 294 -12.79 -4.70 27.29
C ILE D 294 -11.66 -3.97 28.00
N GLY D 295 -11.24 -4.48 29.16
CA GLY D 295 -10.15 -3.84 29.88
C GLY D 295 -8.84 -3.86 29.12
N VAL D 296 -8.50 -5.00 28.52
CA VAL D 296 -7.28 -5.08 27.74
C VAL D 296 -7.34 -4.13 26.55
N ASN D 297 -8.49 -4.06 25.88
CA ASN D 297 -8.66 -3.15 24.76
C ASN D 297 -8.50 -1.70 25.18
N PHE D 298 -9.05 -1.34 26.35
CA PHE D 298 -8.86 0.02 26.85
C PHE D 298 -7.39 0.31 27.16
N LEU D 299 -6.68 -0.67 27.70
CA LEU D 299 -5.25 -0.49 27.95
C LEU D 299 -4.51 -0.18 26.65
N ILE D 300 -4.73 -1.00 25.61
CA ILE D 300 -4.04 -0.71 24.35
C ILE D 300 -4.53 0.59 23.74
N PHE D 301 -5.79 0.98 23.97
CA PHE D 301 -6.27 2.25 23.47
C PHE D 301 -5.51 3.41 24.09
N VAL D 302 -5.33 3.38 25.41
CA VAL D 302 -4.60 4.47 26.05
C VAL D 302 -3.14 4.46 25.62
N ARG D 303 -2.56 3.26 25.41
CA ARG D 303 -1.18 3.20 24.94
C ARG D 303 -1.02 3.80 23.55
N VAL D 304 -1.94 3.48 22.64
CA VAL D 304 -1.86 4.00 21.28
C VAL D 304 -2.10 5.52 21.28
N ILE D 305 -3.01 6.00 22.12
CA ILE D 305 -3.24 7.44 22.20
C ILE D 305 -2.00 8.14 22.73
N CYS D 306 -1.34 7.56 23.73
CA CYS D 306 -0.10 8.14 24.24
C CYS D 306 0.98 8.16 23.16
N ILE D 307 1.08 7.09 22.38
CA ILE D 307 2.07 7.04 21.31
C ILE D 307 1.79 8.11 20.27
N VAL D 308 0.51 8.29 19.91
CA VAL D 308 0.15 9.32 18.93
C VAL D 308 0.46 10.70 19.48
N VAL D 309 0.22 10.92 20.78
CA VAL D 309 0.53 12.20 21.40
C VAL D 309 2.03 12.46 21.31
N SER D 310 2.84 11.45 21.63
CA SER D 310 4.29 11.61 21.56
C SER D 310 4.75 11.90 20.14
N LYS D 311 4.15 11.23 19.16
CA LYS D 311 4.51 11.47 17.76
C LYS D 311 4.15 12.89 17.33
N LEU D 312 2.97 13.37 17.74
CA LEU D 312 2.52 14.69 17.31
C LEU D 312 3.27 15.81 18.00
N LYS D 313 3.74 15.58 19.23
CA LYS D 313 4.43 16.63 19.97
C LYS D 313 5.82 16.88 19.41
N ALA D 314 6.44 15.87 18.79
CA ALA D 314 7.78 16.02 18.25
C ALA D 314 7.77 16.84 16.98
N ASP D 321 1.51 23.81 18.54
CA ASP D 321 0.55 23.11 19.38
C ASP D 321 -0.73 22.88 18.61
N ILE D 322 -1.17 21.62 18.54
CA ILE D 322 -2.41 21.25 17.88
C ILE D 322 -3.14 20.23 18.76
N LYS D 323 -4.47 20.34 18.78
CA LYS D 323 -5.31 19.42 19.55
C LYS D 323 -6.47 18.86 18.74
N CYS D 324 -6.83 19.49 17.62
CA CYS D 324 -7.88 18.94 16.76
C CYS D 324 -7.46 17.62 16.16
N ARG D 325 -6.18 17.48 15.81
CA ARG D 325 -5.70 16.21 15.26
C ARG D 325 -5.80 15.09 16.28
N LEU D 326 -5.40 15.35 17.53
CA LEU D 326 -5.50 14.33 18.57
C LEU D 326 -6.96 13.98 18.85
N ALA D 327 -7.84 14.97 18.88
CA ALA D 327 -9.26 14.70 19.09
C ALA D 327 -9.82 13.84 17.96
N LYS D 328 -9.46 14.16 16.71
CA LYS D 328 -9.92 13.35 15.59
C LYS D 328 -9.39 11.93 15.67
N SER D 329 -8.12 11.78 16.08
CA SER D 329 -7.54 10.45 16.19
C SER D 329 -8.24 9.62 17.26
N THR D 330 -8.48 10.19 18.43
CA THR D 330 -9.14 9.42 19.47
C THR D 330 -10.59 9.13 19.12
N LEU D 331 -11.27 10.06 18.45
CA LEU D 331 -12.65 9.81 18.04
C LEU D 331 -12.74 8.74 16.96
N THR D 332 -11.77 8.68 16.05
CA THR D 332 -11.77 7.63 15.05
C THR D 332 -11.22 6.32 15.56
N LEU D 333 -10.53 6.31 16.70
CA LEU D 333 -10.08 5.07 17.31
C LEU D 333 -11.07 4.50 18.32
N ILE D 334 -12.00 5.31 18.82
CA ILE D 334 -12.98 4.82 19.78
C ILE D 334 -13.79 3.64 19.24
N PRO D 335 -14.37 3.71 18.03
CA PRO D 335 -15.20 2.57 17.60
C PRO D 335 -14.41 1.33 17.23
N LEU D 336 -13.19 1.48 16.72
CA LEU D 336 -12.42 0.30 16.30
C LEU D 336 -12.09 -0.60 17.48
N LEU D 337 -11.69 -0.01 18.60
CA LEU D 337 -11.37 -0.77 19.80
C LEU D 337 -12.56 -0.96 20.73
N GLY D 338 -13.70 -0.35 20.41
CA GLY D 338 -14.88 -0.49 21.25
C GLY D 338 -14.69 0.06 22.64
N THR D 339 -14.07 1.23 22.77
CA THR D 339 -13.78 1.81 24.07
C THR D 339 -14.98 2.52 24.68
N HIS D 340 -16.10 2.62 23.96
CA HIS D 340 -17.30 3.22 24.54
C HIS D 340 -17.94 2.33 25.58
N GLU D 341 -17.47 1.11 25.76
CA GLU D 341 -18.02 0.19 26.75
C GLU D 341 -17.39 0.34 28.12
N VAL D 342 -16.42 1.23 28.28
CA VAL D 342 -15.74 1.37 29.56
C VAL D 342 -16.37 2.43 30.46
N ILE D 343 -17.19 3.31 29.91
CA ILE D 343 -17.80 4.35 30.73
C ILE D 343 -18.73 3.74 31.77
N PHE D 344 -19.56 2.78 31.37
CA PHE D 344 -20.42 2.03 32.27
C PHE D 344 -20.01 0.55 32.18
N ALA D 345 -19.04 0.16 32.97
CA ALA D 345 -18.61 -1.22 33.05
C ALA D 345 -18.60 -1.75 34.47
N PHE D 346 -18.27 -0.89 35.44
CA PHE D 346 -18.35 -1.28 36.84
C PHE D 346 -19.76 -1.17 37.40
N VAL D 347 -20.68 -0.60 36.65
CA VAL D 347 -22.09 -0.53 37.08
C VAL D 347 -22.73 -1.83 36.59
N MET D 348 -22.55 -2.88 37.39
CA MET D 348 -23.12 -4.17 37.05
C MET D 348 -24.63 -4.14 37.24
N ASP D 349 -25.32 -5.04 36.54
CA ASP D 349 -26.77 -5.08 36.65
C ASP D 349 -27.26 -5.58 38.01
N GLU D 350 -26.36 -6.10 38.85
CA GLU D 350 -26.73 -6.41 40.22
C GLU D 350 -27.09 -5.14 40.99
N HIS D 351 -26.34 -4.06 40.77
CA HIS D 351 -26.53 -2.81 41.49
C HIS D 351 -27.02 -1.69 40.59
N ALA D 352 -27.57 -2.02 39.43
CA ALA D 352 -28.09 -1.02 38.50
C ALA D 352 -29.61 -1.00 38.61
N ARG D 353 -30.13 -0.01 39.32
CA ARG D 353 -31.57 0.14 39.52
C ARG D 353 -31.95 1.61 39.31
N GLY D 354 -33.26 1.85 39.24
CA GLY D 354 -33.73 3.20 39.04
C GLY D 354 -33.41 3.72 37.65
N THR D 355 -33.29 5.05 37.56
CA THR D 355 -32.95 5.66 36.28
C THR D 355 -31.52 5.37 35.85
N LEU D 356 -30.65 5.01 36.80
CA LEU D 356 -29.28 4.65 36.44
C LEU D 356 -29.25 3.44 35.54
N ARG D 357 -30.08 2.43 35.84
CA ARG D 357 -30.15 1.24 35.00
C ARG D 357 -30.59 1.59 33.60
N PHE D 358 -31.62 2.43 33.48
CA PHE D 358 -32.10 2.81 32.15
C PHE D 358 -31.05 3.60 31.39
N ILE D 359 -30.35 4.52 32.06
CA ILE D 359 -29.32 5.30 31.39
C ILE D 359 -28.19 4.40 30.90
N LYS D 360 -27.74 3.46 31.74
CA LYS D 360 -26.70 2.54 31.33
C LYS D 360 -27.16 1.68 30.15
N LEU D 361 -28.37 1.13 30.23
CA LEU D 361 -28.88 0.31 29.14
C LEU D 361 -28.98 1.12 27.86
N PHE D 362 -29.48 2.35 27.93
CA PHE D 362 -29.64 3.16 26.74
C PHE D 362 -28.30 3.47 26.10
N THR D 363 -27.36 4.00 26.88
CA THR D 363 -26.09 4.42 26.32
C THR D 363 -25.21 3.25 25.91
N GLU D 364 -25.47 2.04 26.42
CA GLU D 364 -24.73 0.89 25.92
C GLU D 364 -25.37 0.28 24.69
N LEU D 365 -26.69 0.09 24.72
CA LEU D 365 -27.39 -0.51 23.58
C LEU D 365 -27.25 0.35 22.33
N SER D 366 -27.50 1.66 22.44
CA SER D 366 -27.45 2.51 21.27
C SER D 366 -26.05 2.54 20.66
N PHE D 367 -25.03 2.70 21.51
CA PHE D 367 -23.67 2.76 21.03
C PHE D 367 -23.24 1.44 20.41
N THR D 368 -23.60 0.31 21.02
CA THR D 368 -23.24 -0.98 20.43
C THR D 368 -23.94 -1.19 19.10
N SER D 369 -25.21 -0.79 19.00
CA SER D 369 -25.94 -0.95 17.75
C SER D 369 -25.33 -0.12 16.64
N PHE D 370 -24.91 1.11 16.94
CA PHE D 370 -24.33 1.98 15.92
C PHE D 370 -22.83 1.83 15.77
N GLN D 371 -22.19 1.00 16.60
CA GLN D 371 -20.76 0.79 16.50
C GLN D 371 -20.37 0.12 15.18
N GLY D 372 -21.18 -0.83 14.74
CA GLY D 372 -20.92 -1.45 13.45
C GLY D 372 -20.94 -0.45 12.32
N LEU D 373 -21.95 0.43 12.31
CA LEU D 373 -22.03 1.45 11.27
C LEU D 373 -20.85 2.41 11.33
N MET D 374 -20.49 2.85 12.55
CA MET D 374 -19.38 3.77 12.69
C MET D 374 -18.08 3.15 12.21
N VAL D 375 -17.82 1.90 12.59
CA VAL D 375 -16.61 1.22 12.16
C VAL D 375 -16.61 1.03 10.65
N ALA D 376 -17.76 0.68 10.07
CA ALA D 376 -17.84 0.48 8.63
C ALA D 376 -17.51 1.76 7.87
N ILE D 377 -18.15 2.87 8.24
CA ILE D 377 -17.91 4.13 7.53
C ILE D 377 -16.61 4.80 7.93
N LEU D 378 -15.94 4.32 8.97
CA LEU D 378 -14.64 4.88 9.33
C LEU D 378 -13.47 4.08 8.79
N TYR D 379 -13.63 2.78 8.52
CA TYR D 379 -12.54 1.94 8.04
C TYR D 379 -12.84 1.31 6.69
N CYS D 380 -13.93 1.69 6.03
CA CYS D 380 -14.17 1.23 4.67
C CYS D 380 -14.63 2.31 3.71
N PHE D 381 -15.20 3.42 4.16
CA PHE D 381 -15.71 4.45 3.27
C PHE D 381 -14.81 5.68 3.24
N VAL D 382 -14.53 6.29 4.40
CA VAL D 382 -13.65 7.45 4.44
C VAL D 382 -12.18 7.08 4.42
N ASN D 383 -11.86 5.78 4.42
CA ASN D 383 -10.47 5.36 4.34
C ASN D 383 -9.85 5.87 3.05
N ASN D 384 -8.67 6.51 3.17
CA ASN D 384 -8.08 7.19 2.03
C ASN D 384 -7.69 6.22 0.93
N GLU D 385 -7.15 5.06 1.29
CA GLU D 385 -6.74 4.09 0.28
C GLU D 385 -7.95 3.56 -0.47
N VAL D 386 -9.07 3.38 0.23
CA VAL D 386 -10.29 2.93 -0.43
C VAL D 386 -10.79 3.99 -1.39
N GLN D 387 -10.72 5.26 -0.99
CA GLN D 387 -11.10 6.34 -1.89
C GLN D 387 -10.22 6.36 -3.13
N LEU D 388 -8.92 6.17 -2.96
CA LEU D 388 -8.02 6.13 -4.10
C LEU D 388 -8.34 4.95 -5.01
N GLU D 389 -8.64 3.79 -4.42
CA GLU D 389 -9.01 2.62 -5.21
C GLU D 389 -10.29 2.85 -6.00
N PHE D 390 -11.31 3.46 -5.39
CA PHE D 390 -12.52 3.78 -6.11
C PHE D 390 -12.25 4.78 -7.24
N ARG D 391 -11.40 5.78 -6.98
CA ARG D 391 -11.09 6.78 -7.99
C ARG D 391 -10.38 6.15 -9.19
N LYS D 392 -9.41 5.28 -8.93
CA LYS D 392 -8.70 4.67 -10.05
C LYS D 392 -9.56 3.64 -10.77
N SER D 393 -10.46 2.97 -10.04
CA SER D 393 -11.41 2.10 -10.73
C SER D 393 -12.33 2.90 -11.63
N TRP D 394 -12.78 4.06 -11.17
CA TRP D 394 -13.60 4.93 -11.99
C TRP D 394 -12.83 5.42 -13.21
N GLU D 395 -11.56 5.76 -13.02
CA GLU D 395 -10.73 6.21 -14.15
C GLU D 395 -10.58 5.07 -15.17
N ARG D 396 -10.33 3.85 -14.70
CA ARG D 396 -10.20 2.72 -15.60
C ARG D 396 -11.50 2.48 -16.37
N TRP D 397 -12.64 2.59 -15.67
CA TRP D 397 -13.92 2.41 -16.35
C TRP D 397 -14.19 3.54 -17.34
N ARG D 398 -13.68 4.74 -17.07
CA ARG D 398 -13.93 5.87 -17.95
C ARG D 398 -13.31 5.64 -19.33
N LEU D 399 -12.09 5.09 -19.36
CA LEU D 399 -11.48 4.74 -20.65
C LEU D 399 -12.29 3.66 -21.36
N GLU D 400 -12.75 2.66 -20.62
CA GLU D 400 -13.58 1.58 -21.14
C GLU D 400 -12.89 0.86 -22.30
N THR E 6 46.73 17.17 -25.25
CA THR E 6 47.22 15.81 -25.04
C THR E 6 46.07 14.81 -25.09
N ALA E 7 45.58 14.40 -23.92
CA ALA E 7 44.48 13.45 -23.86
C ALA E 7 43.21 14.05 -24.46
N SER E 8 42.92 15.32 -24.15
CA SER E 8 41.73 15.96 -24.70
C SER E 8 41.83 16.10 -26.22
N ILE E 9 43.02 16.42 -26.72
CA ILE E 9 43.21 16.53 -28.17
C ILE E 9 42.99 15.18 -28.85
N ALA E 10 43.53 14.11 -28.26
CA ALA E 10 43.32 12.78 -28.82
C ALA E 10 41.85 12.38 -28.78
N GLN E 11 41.16 12.70 -27.69
CA GLN E 11 39.73 12.39 -27.60
C GLN E 11 38.93 13.15 -28.65
N ALA E 12 39.25 14.43 -28.85
CA ALA E 12 38.56 15.21 -29.88
C ALA E 12 38.87 14.66 -31.27
N ARG E 13 40.12 14.24 -31.51
CA ARG E 13 40.49 13.68 -32.80
C ARG E 13 39.71 12.39 -33.07
N LYS E 14 39.60 11.51 -32.07
CA LYS E 14 38.87 10.27 -32.28
C LYS E 14 37.37 10.52 -32.42
N LEU E 15 36.83 11.53 -31.72
CA LEU E 15 35.43 11.90 -31.92
C LEU E 15 35.20 12.41 -33.34
N VAL E 16 36.12 13.22 -33.85
CA VAL E 16 36.00 13.73 -35.22
C VAL E 16 36.12 12.59 -36.22
N GLU E 17 37.01 11.63 -35.96
CA GLU E 17 37.14 10.46 -36.84
C GLU E 17 35.85 9.65 -36.85
N GLN E 18 35.24 9.43 -35.69
CA GLN E 18 33.97 8.72 -35.64
C GLN E 18 32.88 9.48 -36.37
N LEU E 19 32.84 10.80 -36.22
CA LEU E 19 31.85 11.61 -36.93
C LEU E 19 32.04 11.51 -38.43
N LYS E 20 33.29 11.55 -38.90
CA LYS E 20 33.55 11.41 -40.32
C LYS E 20 33.17 10.03 -40.84
N MET E 21 33.46 8.99 -40.06
CA MET E 21 33.03 7.66 -40.44
C MET E 21 31.51 7.56 -40.50
N GLU E 22 30.82 8.31 -39.65
CA GLU E 22 29.37 8.42 -39.77
C GLU E 22 28.98 9.14 -41.06
N ALA E 23 29.78 10.11 -41.47
CA ALA E 23 29.54 10.85 -42.71
C ALA E 23 30.15 10.15 -43.92
N ASN E 24 29.82 8.87 -44.10
CA ASN E 24 30.36 8.11 -45.21
C ASN E 24 29.38 7.09 -45.80
N ILE E 25 28.15 7.02 -45.33
CA ILE E 25 27.17 6.08 -45.83
C ILE E 25 25.97 6.87 -46.35
N ASP E 26 25.58 6.59 -47.59
CA ASP E 26 24.44 7.28 -48.18
C ASP E 26 23.14 6.78 -47.56
N ARG E 27 22.20 7.69 -47.34
CA ARG E 27 20.92 7.39 -46.71
C ARG E 27 19.82 7.36 -47.76
N ILE E 28 19.07 6.27 -47.79
CA ILE E 28 17.98 6.07 -48.74
C ILE E 28 16.86 7.05 -48.40
N LYS E 29 16.02 7.37 -49.38
CA LYS E 29 14.92 8.30 -49.17
C LYS E 29 14.03 7.84 -48.02
N VAL E 30 13.53 8.81 -47.25
CA VAL E 30 12.71 8.51 -46.08
C VAL E 30 11.40 7.86 -46.50
N SER E 31 10.85 8.27 -47.63
CA SER E 31 9.60 7.69 -48.12
C SER E 31 9.76 6.19 -48.37
N LYS E 32 10.90 5.78 -48.93
CA LYS E 32 11.15 4.37 -49.13
C LYS E 32 11.22 3.62 -47.81
N ALA E 33 11.89 4.20 -46.81
CA ALA E 33 12.04 3.56 -45.51
C ALA E 33 10.74 3.53 -44.72
N ALA E 34 9.78 4.38 -45.06
CA ALA E 34 8.47 4.30 -44.43
C ALA E 34 7.57 3.30 -45.15
N ALA E 35 7.61 3.31 -46.49
CA ALA E 35 6.83 2.36 -47.27
C ALA E 35 7.26 0.92 -47.01
N ASP E 36 8.56 0.69 -46.80
CA ASP E 36 9.02 -0.67 -46.52
C ASP E 36 8.46 -1.18 -45.21
N LEU E 37 8.47 -0.34 -44.17
CA LEU E 37 7.90 -0.76 -42.89
C LEU E 37 6.39 -0.96 -42.99
N MET E 38 5.71 -0.09 -43.73
CA MET E 38 4.26 -0.27 -43.94
C MET E 38 3.97 -1.58 -44.65
N ALA E 39 4.75 -1.90 -45.68
CA ALA E 39 4.58 -3.16 -46.40
C ALA E 39 4.86 -4.36 -45.50
N TYR E 40 5.89 -4.27 -44.66
CA TYR E 40 6.17 -5.37 -43.73
C TYR E 40 5.01 -5.58 -42.77
N CYS E 41 4.46 -4.49 -42.23
CA CYS E 41 3.34 -4.62 -41.31
C CYS E 41 2.14 -5.23 -42.00
N GLU E 42 1.85 -4.80 -43.23
CA GLU E 42 0.76 -5.40 -43.97
C GLU E 42 1.04 -6.85 -44.36
N ALA E 43 2.31 -7.25 -44.39
CA ALA E 43 2.65 -8.62 -44.79
C ALA E 43 2.32 -9.63 -43.69
N HIS E 44 2.61 -9.29 -42.44
CA HIS E 44 2.43 -10.20 -41.32
C HIS E 44 1.18 -9.88 -40.49
N ALA E 45 0.22 -9.18 -41.09
CA ALA E 45 -0.96 -8.77 -40.34
C ALA E 45 -1.81 -9.96 -39.94
N LYS E 46 -1.91 -10.98 -40.80
CA LYS E 46 -2.79 -12.10 -40.53
C LYS E 46 -2.21 -13.07 -39.50
N GLU E 47 -0.91 -13.00 -39.23
CA GLU E 47 -0.26 -13.90 -38.28
C GLU E 47 -0.02 -13.25 -36.93
N ASP E 48 -0.52 -12.03 -36.71
CA ASP E 48 -0.31 -11.33 -35.46
C ASP E 48 -1.51 -11.54 -34.55
N PRO E 49 -1.41 -12.35 -33.50
CA PRO E 49 -2.57 -12.60 -32.64
C PRO E 49 -3.12 -11.35 -31.98
N LEU E 50 -2.28 -10.36 -31.71
CA LEU E 50 -2.78 -9.13 -31.07
C LEU E 50 -3.54 -8.26 -32.06
N LEU E 51 -3.09 -8.21 -33.30
CA LEU E 51 -3.83 -7.47 -34.33
C LEU E 51 -5.16 -8.14 -34.63
N THR E 52 -5.14 -9.45 -34.89
CA THR E 52 -6.35 -10.22 -35.16
C THR E 52 -6.57 -11.18 -34.00
N PRO E 53 -7.48 -10.88 -33.07
CA PRO E 53 -7.64 -11.74 -31.89
C PRO E 53 -7.98 -13.17 -32.26
N VAL E 54 -7.06 -14.06 -31.96
CA VAL E 54 -7.27 -15.49 -32.20
C VAL E 54 -8.43 -15.98 -31.33
N PRO E 55 -9.27 -16.91 -31.79
CA PRO E 55 -10.39 -17.34 -30.95
C PRO E 55 -9.97 -18.36 -29.92
N ALA E 56 -10.85 -18.56 -28.94
CA ALA E 56 -10.55 -19.36 -27.76
C ALA E 56 -10.31 -20.83 -28.06
N SER E 57 -10.65 -21.29 -29.27
CA SER E 57 -10.45 -22.70 -29.60
C SER E 57 -8.97 -23.09 -29.55
N GLU E 58 -8.10 -22.23 -30.08
CA GLU E 58 -6.67 -22.50 -30.11
C GLU E 58 -5.85 -21.54 -29.27
N ASN E 59 -6.50 -20.64 -28.53
CA ASN E 59 -5.77 -19.71 -27.67
C ASN E 59 -5.32 -20.43 -26.41
N PRO E 60 -4.02 -20.48 -26.11
CA PRO E 60 -3.55 -21.19 -24.92
C PRO E 60 -3.82 -20.46 -23.62
N PHE E 61 -4.20 -19.19 -23.67
CA PHE E 61 -4.48 -18.39 -22.49
C PHE E 61 -5.98 -18.12 -22.44
N ARG E 62 -6.73 -19.03 -21.83
CA ARG E 62 -8.18 -18.91 -21.74
C ARG E 62 -8.58 -17.86 -20.72
N TYR F 1 -21.63 -5.83 28.60
CA TYR F 1 -22.55 -6.69 27.80
C TYR F 1 -24.00 -6.39 28.22
N AIB F 2 -24.68 -5.59 27.40
CA AIB F 2 -26.09 -4.96 27.66
C AIB F 2 -27.23 -5.81 26.98
O AIB F 2 -28.32 -5.88 27.62
CB1 AIB F 2 -26.14 -3.58 27.04
CB2 AIB F 2 -26.40 -4.85 29.15
N GLN F 3 -26.97 -6.46 25.85
CA GLN F 3 -27.98 -7.23 25.15
C GLN F 3 -28.53 -8.34 26.03
N GLY F 4 -27.65 -9.02 26.75
CA GLY F 4 -28.09 -10.09 27.63
C GLY F 4 -28.98 -9.60 28.74
N THR F 5 -28.59 -8.51 29.40
CA THR F 5 -29.41 -7.96 30.47
C THR F 5 -30.75 -7.48 29.94
N PHE F 6 -30.77 -6.81 28.78
CA PHE F 6 -32.04 -6.35 28.22
C PHE F 6 -32.93 -7.52 27.85
N THR F 7 -32.37 -8.56 27.25
CA THR F 7 -33.17 -9.74 26.91
C THR F 7 -33.73 -10.40 28.14
N SER F 8 -32.93 -10.53 29.20
CA SER F 8 -33.43 -11.11 30.43
C SER F 8 -34.57 -10.27 31.02
N ASP F 9 -34.34 -8.96 31.12
CA ASP F 9 -35.37 -8.06 31.68
C ASP F 9 -36.66 -8.24 30.87
N TYR F 10 -36.57 -8.10 29.54
CA TYR F 10 -37.74 -8.28 28.70
C TYR F 10 -38.40 -9.63 28.94
N SER F 11 -37.61 -10.66 29.19
CA SER F 11 -38.17 -11.98 29.45
C SER F 11 -39.00 -11.98 30.73
N ILE F 12 -38.48 -11.42 31.81
CA ILE F 12 -39.29 -11.40 33.04
C ILE F 12 -40.53 -10.54 32.86
N 2ML F 13 -40.38 -9.40 32.19
CA 2ML F 13 -41.54 -8.53 31.88
CB1 2ML F 13 -41.14 -7.34 31.00
CB2 2ML F 13 -42.16 -7.93 33.16
CG 2ML F 13 -42.32 -6.51 30.51
CD1 2ML F 13 -42.37 -6.53 28.99
CD2 2ML F 13 -42.25 -5.08 30.99
C 2ML F 13 -42.69 -9.31 31.11
O 2ML F 13 -43.87 -9.29 31.53
N LEU F 14 -42.30 -9.97 30.02
CA LEU F 14 -43.26 -10.72 29.22
C LEU F 14 -43.82 -11.91 29.99
N ASP F 15 -43.00 -12.53 30.83
CA ASP F 15 -43.48 -13.64 31.65
C ASP F 15 -44.53 -13.15 32.62
N LYS F 16 -44.29 -12.00 33.26
CA LYS F 16 -45.29 -11.44 34.16
C LYS F 16 -46.57 -11.10 33.43
N LYS F 17 -46.45 -10.51 32.25
CA LYS F 17 -47.68 -10.23 31.46
C LYS F 17 -48.41 -11.54 31.22
N ALA F 18 -47.72 -12.53 30.68
CA ALA F 18 -48.39 -13.78 30.35
C ALA F 18 -49.06 -14.41 31.56
N GLN F 19 -48.42 -14.32 32.73
CA GLN F 19 -48.99 -14.85 33.96
C GLN F 19 -50.27 -14.10 34.34
N AIB F 20 -50.19 -12.77 34.28
CA AIB F 20 -51.37 -11.88 34.47
C AIB F 20 -52.50 -12.34 33.51
O AIB F 20 -53.63 -12.56 34.00
CB1 AIB F 20 -51.85 -11.98 35.92
CB2 AIB F 20 -50.96 -10.45 34.10
N ALA F 21 -52.20 -12.47 32.23
CA ALA F 21 -53.18 -12.87 31.22
C ALA F 21 -53.78 -14.23 31.56
N PHE F 22 -52.94 -15.14 32.06
CA PHE F 22 -53.44 -16.45 32.47
C PHE F 22 -54.44 -16.34 33.60
N ILE F 23 -54.14 -15.49 34.58
CA ILE F 23 -55.06 -15.29 35.69
C ILE F 23 -56.38 -14.70 35.19
N GLU F 24 -56.31 -13.71 34.30
CA GLU F 24 -57.53 -13.11 33.77
C GLU F 24 -58.35 -14.11 32.97
N TYR F 25 -57.69 -14.93 32.15
CA TYR F 25 -58.41 -15.94 31.38
C TYR F 25 -59.04 -16.98 32.29
N LEU F 26 -58.34 -17.36 33.35
CA LEU F 26 -58.88 -18.31 34.32
C LEU F 26 -60.00 -17.70 35.15
N LEU F 27 -60.05 -16.37 35.25
CA LEU F 27 -61.08 -15.72 36.05
C LEU F 27 -62.48 -16.06 35.55
N GLU F 28 -62.68 -16.04 34.23
CA GLU F 28 -63.97 -16.36 33.66
C GLU F 28 -63.79 -16.94 32.27
N GLY F 29 -64.78 -17.70 31.83
CA GLY F 29 -64.75 -18.32 30.52
C GLY F 29 -64.02 -19.65 30.46
N GLY F 30 -63.46 -20.12 31.57
CA GLY F 30 -62.77 -21.40 31.60
C GLY F 30 -61.42 -21.36 30.92
#